data_8Z96
#
_entry.id   8Z96
#
_cell.length_a   133.574
_cell.length_b   133.574
_cell.length_c   167.258
_cell.angle_alpha   90.000
_cell.angle_beta   90.000
_cell.angle_gamma   120.000
#
_symmetry.space_group_name_H-M   'P 32 2 1'
#
loop_
_entity.id
_entity.type
_entity.pdbx_description
1 polymer 'Piwi domain-containing protein'
2 polymer 'TIR domain-containing protein'
3 polymer "DNA (5'-D(P*TP*GP*AP*GP*GP*TP*AP*GP*TP*AP*GP*GP*TP*TP*GP*TP*AP*TP*AP*GP*T)-3')"
4 polymer "DNA (5'-D(*CP*TP*AP*TP*AP*CP*AP*AP*CP*CP*TP*AP*CP*TP*AP*CP*CP*TP*CP*AP*T)-3')"
5 non-polymer 'MAGNESIUM ION'
6 water water
#
loop_
_entity_poly.entity_id
_entity_poly.type
_entity_poly.pdbx_seq_one_letter_code
_entity_poly.pdbx_strand_id
1 'polypeptide(L)'
;MKELIYIEEPSILFAHGQKCTDPRDGLALFGPLNQIYGIKSGVVGTQKGLQIFKSYLDKIQKPIYNHNNITRPMFPGFEA
VFGCKWESQNIVFKEITDEEIRRYLFNASTHKRTYDLVTLFNDKIITANKNDEERVDVWFVIVPEEIYKYCRPNSVLPNE
LVQTKSLISKSKAKSFRYTPTLFEEFNKKLKEVEKEAKTYNYDAQFHDQLKARLLEHTIPTQILRESTLAWRDFKNTFGA
PIRDFSKIEGHLAWTISTAAYYKAGGKPWKLGDIRPGVCYLGLVYKKIEKSKNPQNACCAAQMFLDNGDGTVFKGEVGPW
YNPEKGEYHLKPKEAKALLTQALESYKEQNKSYPKEVFIHARTRFNDEEWNAFNEVTPKNTNLVGVTITKSKPLKLYKTE
GAFPIMRGNAYIVDEKKAFLWTLGFVPKLQSTLSMEVPNPIFIEINKGEAEIQQVLKDILALTKLNYNACIYADGEPVTL
RFANKIGEILTASTEIKTPPLAFKYYI
;
A
2 'polypeptide(L)'
;MRNKIFISHATPEDDDFTRWLSLKLIGLGYEVWCDILFLDKGVDFWSTIEKEIRENTCKFLIVSSTAGNKREGVLKELAV
ATKVKKHLQDDMFIIPLAIDENLSYDDINIEIVRLNAIDFKKSWAKGLQDLLDAFEKQNVPKKPPDHSKSNLLYQQIFLH
DKQAIEKEETYDSNWFPIISFPNELRFHRYDWRLPKQFDVRTLAFPAIRYKEYLCTFAWEYDFIHQLPKTETYNGQESIR
ISTSDILSGRYDTDFIRNYECQRLIVQLINKAFELRMKDKNVREYQMSKTFAYWIEKGKLEKDKFEKIKLVGKQKNKYWH
FGISAAGKLYPSPVLMVSSHIIFTMDGINLIKSKSIQHSSRRKQGKNWWNDKWREKLLAFIRFLSDDQNAIYLNVGSEEK
ILISNKPLKFFGKMSYVTPSE
;
B
3 'polydeoxyribonucleotide'
;(DT)(DG)(DA)(DG)(DG)(DT)(DA)(DG)(DT)(DA)(DG)(DG)(DT)(DT)(DG)(DT)(DA)(DT)(DA)(DG)
(DT)
;
C
4 'polydeoxyribonucleotide'
;(DC)(DT)(DA)(DT)(DA)(DC)(DA)(DA)(DC)(DC)(DT)(DA)(DC)(DT)(DA)(DC)(DC)(DT)(DC)(DA)
(DT)
;
D
#
# COMPACT_ATOMS: atom_id res chain seq x y z
N MET A 1 -26.19 -10.51 11.24
CA MET A 1 -25.55 -9.96 10.05
C MET A 1 -25.27 -8.45 10.12
N LYS A 2 -24.05 -8.05 10.50
CA LYS A 2 -23.72 -6.63 10.58
C LYS A 2 -23.73 -6.00 9.19
N GLU A 3 -23.68 -4.68 9.14
CA GLU A 3 -23.81 -4.01 7.86
C GLU A 3 -22.62 -3.07 7.68
N LEU A 4 -22.15 -2.97 6.44
CA LEU A 4 -21.01 -2.14 6.09
C LEU A 4 -21.49 -0.88 5.40
N ILE A 5 -21.06 0.26 5.91
CA ILE A 5 -21.23 1.49 5.16
C ILE A 5 -20.12 1.50 4.14
N TYR A 6 -20.14 2.51 3.27
CA TYR A 6 -19.15 2.61 2.23
C TYR A 6 -18.65 4.04 2.22
N ILE A 7 -17.35 4.21 2.08
CA ILE A 7 -16.77 5.53 2.03
C ILE A 7 -16.44 5.86 0.58
N GLU A 8 -17.05 6.92 0.07
CA GLU A 8 -16.84 7.27 -1.30
C GLU A 8 -15.38 7.57 -1.46
N GLU A 9 -14.81 7.23 -2.59
CA GLU A 9 -13.37 7.33 -2.76
C GLU A 9 -12.92 8.76 -2.95
N PRO A 10 -11.88 9.17 -2.10
CA PRO A 10 -11.55 10.59 -2.24
C PRO A 10 -10.85 10.97 -3.51
N SER A 11 -11.08 12.19 -3.96
CA SER A 11 -10.64 12.64 -5.25
C SER A 11 -9.53 13.61 -5.07
N ILE A 12 -8.42 13.31 -5.72
CA ILE A 12 -7.23 14.12 -5.61
C ILE A 12 -7.20 15.02 -6.81
N LEU A 13 -6.80 16.27 -6.65
CA LEU A 13 -7.00 17.24 -7.71
C LEU A 13 -5.76 17.71 -8.43
N PHE A 14 -5.75 17.54 -9.74
CA PHE A 14 -4.61 17.78 -10.59
C PHE A 14 -4.80 19.03 -11.40
N ALA A 15 -3.92 19.29 -12.34
CA ALA A 15 -3.94 20.55 -13.06
C ALA A 15 -5.30 21.03 -13.53
N HIS A 16 -5.57 22.30 -13.36
CA HIS A 16 -6.85 22.86 -13.74
C HIS A 16 -7.94 22.47 -12.79
N GLY A 17 -7.54 22.08 -11.61
CA GLY A 17 -8.49 21.87 -10.55
C GLY A 17 -9.50 20.86 -10.99
N GLN A 18 -9.06 19.91 -11.77
CA GLN A 18 -9.92 18.86 -12.26
C GLN A 18 -9.50 17.65 -11.52
N LYS A 19 -10.44 16.98 -10.87
CA LYS A 19 -10.10 15.94 -9.95
C LYS A 19 -10.64 14.58 -10.31
N CYS A 20 -9.87 13.57 -9.95
CA CYS A 20 -10.17 12.18 -10.21
C CYS A 20 -9.46 11.36 -9.16
N THR A 21 -9.31 10.07 -9.42
CA THR A 21 -9.04 9.10 -8.36
C THR A 21 -7.67 8.44 -8.47
N ASP A 22 -7.12 8.40 -9.67
CA ASP A 22 -5.87 7.72 -9.93
C ASP A 22 -4.85 8.76 -10.32
N PRO A 23 -3.86 9.07 -9.49
CA PRO A 23 -2.83 10.04 -9.90
C PRO A 23 -2.28 9.71 -11.26
N ARG A 24 -1.92 8.44 -11.48
CA ARG A 24 -1.38 8.03 -12.76
C ARG A 24 -2.27 8.57 -13.89
N ASP A 25 -3.57 8.45 -13.74
CA ASP A 25 -4.47 8.92 -14.78
C ASP A 25 -4.68 10.40 -14.68
N GLY A 26 -4.81 10.87 -13.46
CA GLY A 26 -4.99 12.30 -13.23
C GLY A 26 -3.86 13.13 -13.78
N LEU A 27 -2.61 12.66 -13.59
CA LEU A 27 -1.49 13.37 -14.18
C LEU A 27 -1.44 13.15 -15.67
N ALA A 28 -1.59 11.88 -16.08
CA ALA A 28 -1.54 11.55 -17.50
C ALA A 28 -2.56 12.38 -18.26
N LEU A 29 -3.71 12.62 -17.63
CA LEU A 29 -4.82 13.27 -18.30
C LEU A 29 -4.62 14.77 -18.41
N PHE A 30 -4.26 15.41 -17.28
CA PHE A 30 -4.15 16.86 -17.11
C PHE A 30 -2.79 17.36 -16.67
N GLY A 31 -2.03 16.55 -15.95
CA GLY A 31 -0.72 16.95 -15.47
C GLY A 31 -0.71 17.36 -14.00
N PRO A 32 0.42 17.87 -13.55
CA PRO A 32 0.65 18.07 -12.11
C PRO A 32 -0.10 19.27 -11.59
N LEU A 33 -0.19 19.35 -10.26
CA LEU A 33 -0.94 20.46 -9.69
C LEU A 33 -0.27 21.78 -10.00
N ASN A 34 1.05 21.82 -9.95
CA ASN A 34 1.75 23.04 -10.30
C ASN A 34 2.86 22.75 -11.25
N GLN A 35 2.67 23.14 -12.50
CA GLN A 35 3.59 22.76 -13.55
C GLN A 35 4.83 23.49 -13.18
N ILE A 36 5.97 22.91 -13.48
CA ILE A 36 7.21 23.46 -12.99
C ILE A 36 8.23 23.62 -14.10
N TYR A 37 9.08 24.60 -13.91
CA TYR A 37 10.13 24.92 -14.82
C TYR A 37 11.00 23.70 -14.77
N GLY A 38 11.63 23.34 -15.88
CA GLY A 38 12.18 22.01 -16.02
C GLY A 38 13.21 21.62 -14.98
N ILE A 39 13.14 20.36 -14.56
CA ILE A 39 14.04 19.81 -13.57
C ILE A 39 15.48 19.78 -14.03
N LYS A 40 16.38 20.25 -13.19
CA LYS A 40 17.77 20.21 -13.49
C LYS A 40 18.30 19.15 -12.58
N SER A 41 18.94 18.16 -13.17
CA SER A 41 19.17 16.90 -12.49
C SER A 41 20.66 16.73 -12.31
N GLY A 42 21.09 16.70 -11.06
CA GLY A 42 22.45 16.35 -10.75
C GLY A 42 22.59 14.86 -10.47
N VAL A 43 23.71 14.31 -10.90
CA VAL A 43 23.97 12.89 -10.77
C VAL A 43 25.17 12.71 -9.88
N VAL A 44 25.11 11.75 -8.97
CA VAL A 44 26.20 11.50 -8.06
C VAL A 44 26.51 10.03 -8.17
N GLY A 45 27.15 9.67 -9.26
CA GLY A 45 27.33 8.28 -9.60
C GLY A 45 28.53 8.01 -10.49
N THR A 46 28.82 6.74 -10.68
CA THR A 46 29.95 6.34 -11.44
C THR A 46 29.72 6.82 -12.85
N GLN A 47 30.78 6.88 -13.63
CA GLN A 47 30.68 7.36 -14.98
C GLN A 47 29.68 6.48 -15.68
N LYS A 48 29.63 5.20 -15.29
CA LYS A 48 28.56 4.30 -15.70
C LYS A 48 27.20 4.73 -15.17
N GLY A 49 27.18 5.25 -13.95
CA GLY A 49 25.94 5.67 -13.31
C GLY A 49 25.27 6.74 -14.11
N LEU A 50 26.05 7.61 -14.72
CA LEU A 50 25.54 8.61 -15.62
C LEU A 50 24.88 8.03 -16.87
N GLN A 51 25.52 7.05 -17.48
CA GLN A 51 24.98 6.51 -18.72
C GLN A 51 23.65 5.85 -18.48
N ILE A 52 23.56 5.13 -17.39
CA ILE A 52 22.31 4.48 -17.04
C ILE A 52 21.26 5.52 -16.73
N PHE A 53 21.61 6.52 -15.96
CA PHE A 53 20.65 7.52 -15.58
C PHE A 53 20.20 8.17 -16.84
N LYS A 54 21.14 8.41 -17.73
CA LYS A 54 20.84 8.97 -19.03
C LYS A 54 19.98 8.01 -19.82
N SER A 55 20.17 6.72 -19.60
CA SER A 55 19.31 5.74 -20.25
C SER A 55 17.90 5.96 -19.79
N TYR A 56 17.72 6.22 -18.50
CA TYR A 56 16.39 6.51 -18.00
C TYR A 56 15.73 7.80 -18.48
N LEU A 57 16.45 8.89 -18.45
CA LEU A 57 15.86 10.16 -18.80
C LEU A 57 15.43 10.06 -20.23
N ASP A 58 16.28 9.46 -21.04
CA ASP A 58 15.99 9.23 -22.44
C ASP A 58 14.85 8.27 -22.62
N LYS A 59 14.86 7.24 -21.79
CA LYS A 59 13.83 6.22 -21.85
C LYS A 59 12.46 6.74 -21.51
N ILE A 60 12.35 7.52 -20.46
CA ILE A 60 11.05 7.97 -19.99
C ILE A 60 10.37 9.05 -20.81
N GLN A 61 11.10 9.69 -21.71
CA GLN A 61 10.50 10.67 -22.59
C GLN A 61 9.47 9.96 -23.46
N LYS A 62 9.82 8.76 -23.87
CA LYS A 62 8.97 7.86 -24.65
C LYS A 62 8.01 7.16 -23.70
N PRO A 63 6.83 6.72 -24.17
CA PRO A 63 5.89 6.08 -23.26
C PRO A 63 6.43 4.73 -22.89
N ILE A 64 6.10 4.28 -21.72
CA ILE A 64 6.51 2.96 -21.32
C ILE A 64 5.33 2.25 -20.69
N TYR A 65 5.05 1.05 -21.18
CA TYR A 65 3.87 0.32 -20.80
C TYR A 65 4.13 -0.72 -19.72
N ASN A 66 3.18 -0.86 -18.81
CA ASN A 66 3.12 -1.94 -17.84
C ASN A 66 2.58 -3.20 -18.50
N HIS A 67 2.61 -4.31 -17.79
CA HIS A 67 2.11 -5.55 -18.36
C HIS A 67 0.65 -5.51 -18.70
N ASN A 68 -0.17 -5.02 -17.78
CA ASN A 68 -1.58 -4.79 -18.08
C ASN A 68 -1.91 -3.39 -17.64
N ASN A 69 -2.40 -2.59 -18.56
CA ASN A 69 -2.42 -1.16 -18.38
C ASN A 69 -3.76 -0.67 -17.94
N ILE A 70 -4.56 -1.60 -17.46
CA ILE A 70 -5.73 -1.27 -16.70
C ILE A 70 -5.38 -1.36 -15.22
N THR A 71 -4.81 -2.47 -14.80
CA THR A 71 -4.35 -2.66 -13.44
C THR A 71 -3.22 -1.73 -13.10
N ARG A 72 -2.30 -1.49 -14.02
CA ARG A 72 -1.31 -0.46 -13.78
C ARG A 72 -1.31 0.49 -14.95
N PRO A 73 -1.60 1.76 -14.76
CA PRO A 73 -1.69 2.58 -15.96
C PRO A 73 -0.34 2.70 -16.62
N MET A 74 -0.34 2.97 -17.91
CA MET A 74 0.87 3.12 -18.66
C MET A 74 1.47 4.44 -18.31
N PHE A 75 2.71 4.67 -18.73
CA PHE A 75 3.38 5.95 -18.53
C PHE A 75 3.50 6.64 -19.87
N PRO A 76 2.70 7.66 -20.18
CA PRO A 76 2.80 8.36 -21.47
C PRO A 76 4.20 8.85 -21.84
N GLY A 77 5.00 9.08 -20.83
CA GLY A 77 6.32 9.64 -20.99
C GLY A 77 6.35 10.91 -20.21
N PHE A 78 7.53 11.34 -19.80
CA PHE A 78 7.59 12.43 -18.84
C PHE A 78 7.02 13.73 -19.32
N GLU A 79 7.37 14.14 -20.53
CA GLU A 79 6.92 15.45 -21.00
C GLU A 79 5.42 15.47 -21.17
N ALA A 80 4.86 14.41 -21.71
CA ALA A 80 3.42 14.33 -21.82
C ALA A 80 2.79 14.30 -20.46
N VAL A 81 3.38 13.54 -19.55
CA VAL A 81 2.82 13.43 -18.23
C VAL A 81 2.89 14.69 -17.40
N PHE A 82 4.05 15.33 -17.31
CA PHE A 82 4.19 16.44 -16.38
C PHE A 82 4.31 17.81 -17.02
N GLY A 83 4.22 17.82 -18.34
CA GLY A 83 4.22 19.06 -19.08
C GLY A 83 5.51 19.80 -18.91
N CYS A 84 6.59 19.09 -18.65
CA CYS A 84 7.90 19.71 -18.58
C CYS A 84 9.02 18.72 -18.83
N LYS A 85 10.20 19.23 -19.12
CA LYS A 85 11.30 18.37 -19.51
C LYS A 85 12.27 18.10 -18.38
N TRP A 86 12.51 16.82 -18.19
CA TRP A 86 13.54 16.28 -17.33
C TRP A 86 14.56 15.74 -18.32
N GLU A 87 15.44 16.64 -18.73
CA GLU A 87 16.29 16.38 -19.86
C GLU A 87 17.54 15.66 -19.40
N SER A 88 17.90 14.66 -20.19
CA SER A 88 19.18 13.95 -20.10
C SER A 88 20.35 14.72 -20.70
N GLN A 89 20.10 15.54 -21.74
CA GLN A 89 21.08 16.53 -22.16
C GLN A 89 21.54 17.38 -20.99
N ASN A 90 20.63 17.69 -20.07
CA ASN A 90 20.96 18.66 -19.04
C ASN A 90 21.25 17.93 -17.73
N ILE A 91 22.44 17.37 -17.63
CA ILE A 91 22.80 16.74 -16.37
C ILE A 91 23.96 17.53 -15.80
N VAL A 92 24.03 17.56 -14.48
CA VAL A 92 25.06 18.27 -13.74
C VAL A 92 25.71 17.25 -12.83
N PHE A 93 26.84 16.69 -13.29
CA PHE A 93 27.43 15.44 -12.78
C PHE A 93 28.57 15.75 -11.80
N LYS A 94 28.55 15.08 -10.66
CA LYS A 94 29.71 14.99 -9.77
C LYS A 94 30.09 13.51 -9.72
N GLU A 95 31.24 13.18 -10.29
CA GLU A 95 31.65 11.79 -10.44
C GLU A 95 32.12 11.13 -9.16
N ILE A 96 32.05 9.82 -9.20
CA ILE A 96 32.66 8.96 -8.21
C ILE A 96 33.35 7.90 -9.05
N THR A 97 34.43 7.33 -8.55
CA THR A 97 35.18 6.37 -9.34
C THR A 97 35.38 5.14 -8.52
N ASP A 98 35.62 4.03 -9.19
CA ASP A 98 35.75 2.76 -8.49
C ASP A 98 36.87 2.94 -7.50
N GLU A 99 37.86 3.72 -7.90
CA GLU A 99 38.99 3.94 -7.03
C GLU A 99 38.46 4.56 -5.76
N GLU A 100 37.55 5.52 -5.90
CA GLU A 100 36.91 6.05 -4.71
C GLU A 100 36.06 4.98 -4.08
N ILE A 101 35.32 4.25 -4.91
CA ILE A 101 34.44 3.22 -4.37
C ILE A 101 35.22 2.11 -3.71
N ARG A 102 36.26 1.63 -4.39
CA ARG A 102 37.01 0.54 -3.85
C ARG A 102 37.70 0.98 -2.58
N ARG A 103 38.24 2.18 -2.60
CA ARG A 103 39.07 2.59 -1.49
C ARG A 103 38.25 2.65 -0.22
N TYR A 104 37.12 3.33 -0.30
CA TYR A 104 36.19 3.41 0.82
C TYR A 104 35.41 2.14 1.13
N LEU A 105 34.99 1.45 0.10
CA LEU A 105 34.02 0.37 0.24
C LEU A 105 34.54 -0.78 1.05
N PHE A 106 35.82 -1.09 0.85
CA PHE A 106 36.40 -2.36 1.25
C PHE A 106 36.60 -2.57 2.75
N ASN A 107 36.42 -1.53 3.54
CA ASN A 107 36.81 -1.60 4.94
C ASN A 107 36.11 -2.77 5.61
N ALA A 108 36.81 -3.35 6.56
CA ALA A 108 36.38 -4.56 7.25
C ALA A 108 35.02 -4.35 7.92
N SER A 109 34.89 -3.26 8.66
CA SER A 109 33.61 -2.90 9.23
C SER A 109 32.62 -2.61 8.11
N THR A 110 31.37 -3.00 8.30
CA THR A 110 30.33 -2.45 7.46
C THR A 110 30.12 -0.96 7.75
N HIS A 111 30.06 -0.61 9.04
CA HIS A 111 29.74 0.76 9.44
C HIS A 111 30.80 1.75 8.99
N LYS A 112 32.09 1.47 9.25
CA LYS A 112 33.15 2.35 8.73
C LYS A 112 33.15 2.35 7.20
N ARG A 113 32.71 1.25 6.58
CA ARG A 113 32.55 1.24 5.14
C ARG A 113 31.31 2.02 4.72
N THR A 114 30.21 1.85 5.47
CA THR A 114 28.99 2.61 5.16
C THR A 114 29.22 4.10 5.42
N TYR A 115 29.47 4.50 6.67
CA TYR A 115 29.48 5.91 7.03
C TYR A 115 30.36 6.76 6.12
N ASP A 116 31.34 6.16 5.47
CA ASP A 116 32.30 6.96 4.72
C ASP A 116 31.92 7.14 3.26
N LEU A 117 31.49 6.08 2.56
CA LEU A 117 30.89 6.29 1.25
C LEU A 117 29.75 7.29 1.36
N VAL A 118 28.96 7.20 2.43
CA VAL A 118 27.95 8.21 2.75
C VAL A 118 28.60 9.59 2.82
N THR A 119 29.71 9.69 3.53
CA THR A 119 30.42 10.94 3.60
C THR A 119 30.93 11.30 2.22
N LEU A 120 31.33 10.30 1.46
CA LEU A 120 31.87 10.59 0.14
C LEU A 120 30.85 11.26 -0.75
N PHE A 121 29.63 10.72 -0.77
CA PHE A 121 28.59 11.22 -1.65
C PHE A 121 28.19 12.64 -1.29
N ASN A 122 28.03 12.89 0.00
CA ASN A 122 27.61 14.21 0.42
C ASN A 122 28.60 15.28 0.04
N ASP A 123 29.88 15.01 0.22
CA ASP A 123 30.87 16.00 -0.14
C ASP A 123 30.73 16.18 -1.62
N LYS A 124 30.56 15.09 -2.34
CA LYS A 124 30.39 15.20 -3.77
C LYS A 124 29.09 15.94 -4.10
N ILE A 125 28.00 15.60 -3.42
CA ILE A 125 26.78 16.38 -3.55
C ILE A 125 26.92 17.75 -2.92
N ILE A 126 27.44 17.81 -1.72
CA ILE A 126 27.44 19.05 -0.99
C ILE A 126 28.30 20.06 -1.71
N THR A 127 29.43 19.58 -2.21
CA THR A 127 30.37 20.44 -2.89
C THR A 127 29.70 21.00 -4.12
N ALA A 128 28.98 20.16 -4.83
CA ALA A 128 28.25 20.63 -5.99
C ALA A 128 27.15 21.59 -5.63
N ASN A 129 26.35 21.27 -4.61
CA ASN A 129 25.25 22.16 -4.27
C ASN A 129 25.68 23.50 -3.68
N LYS A 130 26.56 23.46 -2.68
CA LYS A 130 26.94 24.71 -2.04
C LYS A 130 27.74 25.53 -3.02
N ASN A 131 28.72 24.88 -3.62
CA ASN A 131 29.63 25.56 -4.52
C ASN A 131 29.03 26.05 -5.82
N ASP A 132 28.14 25.25 -6.40
CA ASP A 132 27.70 25.53 -7.74
C ASP A 132 27.09 26.90 -7.75
N GLU A 133 27.46 27.68 -8.74
CA GLU A 133 26.62 28.75 -9.22
C GLU A 133 25.46 28.02 -9.86
N GLU A 134 25.80 26.98 -10.62
CA GLU A 134 24.83 26.22 -11.40
C GLU A 134 23.88 25.44 -10.52
N ARG A 135 22.62 25.43 -10.89
CA ARG A 135 21.63 24.92 -9.98
C ARG A 135 20.96 23.65 -10.47
N VAL A 136 20.86 22.70 -9.58
CA VAL A 136 20.22 21.44 -9.87
C VAL A 136 19.00 21.32 -8.98
N ASP A 137 17.86 21.00 -9.58
CA ASP A 137 16.64 20.74 -8.82
C ASP A 137 16.65 19.50 -7.94
N VAL A 138 17.16 18.37 -8.45
CA VAL A 138 17.26 17.18 -7.61
C VAL A 138 18.63 16.53 -7.78
N TRP A 139 19.15 15.99 -6.70
CA TRP A 139 20.39 15.25 -6.76
C TRP A 139 19.97 13.81 -6.72
N PHE A 140 20.35 13.06 -7.74
CA PHE A 140 19.96 11.67 -7.84
C PHE A 140 21.19 10.85 -7.58
N VAL A 141 21.12 10.00 -6.59
CA VAL A 141 22.26 9.21 -6.18
C VAL A 141 22.18 7.85 -6.83
N ILE A 142 22.99 7.60 -7.84
CA ILE A 142 22.87 6.36 -8.58
C ILE A 142 23.80 5.35 -7.98
N VAL A 143 23.24 4.45 -7.19
CA VAL A 143 24.03 3.58 -6.34
C VAL A 143 24.48 2.38 -7.13
N PRO A 144 25.88 2.25 -7.26
CA PRO A 144 26.27 1.04 -7.98
C PRO A 144 25.86 -0.13 -7.14
N GLU A 145 25.63 -1.27 -7.75
CA GLU A 145 25.08 -2.38 -7.01
C GLU A 145 26.03 -2.69 -5.89
N GLU A 146 27.30 -2.50 -6.17
CA GLU A 146 28.33 -2.87 -5.23
C GLU A 146 28.13 -2.12 -3.93
N ILE A 147 27.49 -0.95 -3.99
CA ILE A 147 27.20 -0.24 -2.74
C ILE A 147 26.01 -0.84 -2.01
N TYR A 148 24.92 -1.01 -2.76
CA TYR A 148 23.71 -1.58 -2.20
C TYR A 148 24.00 -2.92 -1.59
N LYS A 149 24.80 -3.73 -2.29
CA LYS A 149 25.01 -5.10 -1.88
C LYS A 149 25.60 -5.17 -0.47
N TYR A 150 26.52 -4.25 -0.13
CA TYR A 150 27.33 -4.38 1.07
C TYR A 150 27.12 -3.29 2.13
N CYS A 151 26.30 -2.27 1.88
CA CYS A 151 26.19 -1.19 2.84
C CYS A 151 25.09 -1.26 3.89
N ARG A 152 24.66 -2.48 4.15
CA ARG A 152 23.65 -2.76 5.13
C ARG A 152 24.12 -3.61 6.27
N PRO A 153 23.45 -3.42 7.49
CA PRO A 153 23.87 -4.36 8.53
C PRO A 153 23.45 -5.77 8.14
N ASN A 154 24.19 -6.78 8.58
CA ASN A 154 23.84 -8.19 8.33
C ASN A 154 24.28 -8.71 6.97
N SER A 155 25.00 -7.88 6.22
CA SER A 155 25.55 -8.30 4.93
C SER A 155 27.06 -8.41 5.06
N VAL A 156 27.62 -9.58 4.79
CA VAL A 156 28.97 -9.92 5.22
C VAL A 156 29.89 -9.98 4.01
N LEU A 157 30.69 -8.93 3.80
CA LEU A 157 31.77 -8.99 2.83
C LEU A 157 32.79 -10.05 3.26
N PRO A 158 33.14 -11.01 2.39
CA PRO A 158 34.08 -12.07 2.81
C PRO A 158 35.33 -11.48 3.45
N ASN A 159 35.91 -12.22 4.41
CA ASN A 159 37.22 -11.84 4.97
C ASN A 159 38.33 -11.80 3.93
N GLU A 160 38.06 -12.18 2.69
CA GLU A 160 39.04 -12.25 1.62
C GLU A 160 38.94 -11.08 0.65
N LEU A 161 38.20 -10.05 1.02
CA LEU A 161 38.12 -8.83 0.24
C LEU A 161 38.65 -7.62 1.02
N VAL A 162 38.76 -7.78 2.33
CA VAL A 162 38.96 -6.62 3.19
C VAL A 162 40.41 -6.22 3.27
N GLN A 163 40.71 -5.04 2.75
CA GLN A 163 42.06 -4.50 2.79
C GLN A 163 42.58 -4.18 4.20
N THR A 164 41.72 -3.63 5.06
CA THR A 164 42.13 -3.26 6.41
C THR A 164 41.29 -3.94 7.47
N LYS A 165 41.96 -4.51 8.47
CA LYS A 165 41.30 -5.11 9.63
C LYS A 165 40.60 -4.03 10.42
N SER A 166 39.44 -4.35 10.98
CA SER A 166 38.62 -3.33 11.57
C SER A 166 39.43 -2.67 12.67
N LEU A 167 39.35 -1.34 12.75
CA LEU A 167 40.15 -0.58 13.69
C LEU A 167 39.76 -1.01 15.09
N ILE A 168 38.46 -1.21 15.30
CA ILE A 168 37.97 -1.87 16.50
C ILE A 168 36.73 -2.72 16.18
N SER A 169 36.53 -3.76 16.97
CA SER A 169 35.34 -4.60 16.83
C SER A 169 34.12 -3.89 17.44
N ASP A 203 21.92 4.80 11.25
CA ASP A 203 22.68 3.64 11.68
C ASP A 203 23.65 3.22 10.59
N ALA A 204 23.43 2.02 10.02
CA ALA A 204 24.28 1.47 8.96
C ALA A 204 23.52 1.27 7.65
N GLN A 205 22.32 1.79 7.49
CA GLN A 205 21.72 1.69 6.16
C GLN A 205 22.16 2.90 5.39
N PHE A 206 22.79 2.67 4.25
CA PHE A 206 23.48 3.74 3.54
C PHE A 206 22.57 4.85 3.02
N HIS A 207 21.49 4.49 2.34
CA HIS A 207 20.68 5.50 1.70
C HIS A 207 19.99 6.40 2.70
N ASP A 208 19.43 5.79 3.74
CA ASP A 208 18.74 6.55 4.74
C ASP A 208 19.74 7.48 5.40
N GLN A 209 20.94 6.97 5.64
CA GLN A 209 21.93 7.79 6.29
C GLN A 209 22.21 8.95 5.38
N LEU A 210 22.29 8.66 4.09
CA LEU A 210 22.69 9.66 3.12
C LEU A 210 21.70 10.79 3.15
N LYS A 211 20.43 10.44 3.24
CA LYS A 211 19.41 11.44 3.43
C LYS A 211 19.59 12.13 4.78
N ALA A 212 19.91 11.36 5.80
CA ALA A 212 20.07 11.94 7.13
C ALA A 212 21.20 12.94 7.26
N ARG A 213 22.37 12.60 6.75
CA ARG A 213 23.50 13.52 6.81
C ARG A 213 23.23 14.77 6.00
N LEU A 214 22.61 14.60 4.83
CA LEU A 214 22.30 15.72 3.95
C LEU A 214 21.14 16.51 4.49
N LEU A 215 20.57 16.04 5.60
CA LEU A 215 19.42 16.65 6.24
C LEU A 215 19.63 18.06 6.77
N GLU A 216 20.76 18.35 7.38
CA GLU A 216 20.95 19.67 7.98
C GLU A 216 20.95 20.79 6.95
N HIS A 217 21.59 20.56 5.82
CA HIS A 217 21.49 21.48 4.71
C HIS A 217 20.54 20.81 3.78
N THR A 218 19.44 21.48 3.48
CA THR A 218 18.34 20.82 2.83
C THR A 218 18.59 20.73 1.36
N ILE A 219 18.63 19.49 0.88
CA ILE A 219 18.80 19.22 -0.52
C ILE A 219 17.95 18.01 -0.81
N PRO A 220 17.38 17.97 -2.09
CA PRO A 220 16.55 16.78 -2.31
C PRO A 220 17.33 15.63 -2.89
N THR A 221 17.31 14.51 -2.19
CA THR A 221 18.07 13.35 -2.58
C THR A 221 17.12 12.32 -3.13
N GLN A 222 17.29 11.91 -4.37
CA GLN A 222 16.50 10.81 -4.88
C GLN A 222 17.44 9.73 -5.25
N ILE A 223 17.29 8.60 -4.59
CA ILE A 223 18.28 7.56 -4.67
C ILE A 223 17.78 6.47 -5.58
N LEU A 224 18.64 6.06 -6.49
CA LEU A 224 18.30 5.09 -7.50
C LEU A 224 19.36 4.04 -7.48
N ARG A 225 19.04 2.87 -8.02
CA ARG A 225 19.97 1.78 -8.02
C ARG A 225 20.30 1.57 -9.46
N GLU A 226 21.56 1.24 -9.72
CA GLU A 226 22.02 1.08 -11.07
C GLU A 226 21.19 -0.04 -11.64
N SER A 227 20.88 -1.03 -10.82
CA SER A 227 20.14 -2.18 -11.30
C SER A 227 18.74 -1.87 -11.82
N THR A 228 18.00 -1.03 -11.11
CA THR A 228 16.63 -0.68 -11.54
C THR A 228 16.57 0.10 -12.84
N LEU A 229 17.44 1.08 -13.00
CA LEU A 229 17.46 1.87 -14.20
C LEU A 229 17.85 1.05 -15.42
N ALA A 230 18.78 0.13 -15.22
CA ALA A 230 19.39 -0.62 -16.30
C ALA A 230 19.17 -2.11 -16.21
N TRP A 231 18.03 -2.52 -15.71
CA TRP A 231 17.81 -3.88 -15.24
C TRP A 231 17.99 -4.96 -16.27
N ARG A 232 17.84 -4.66 -17.55
CA ARG A 232 18.06 -5.67 -18.56
C ARG A 232 19.52 -5.71 -18.99
N ASP A 233 20.30 -4.83 -18.39
CA ASP A 233 21.73 -4.77 -18.61
C ASP A 233 22.44 -5.43 -17.45
N PHE A 234 21.70 -6.17 -16.65
CA PHE A 234 22.28 -6.82 -15.48
C PHE A 234 21.85 -8.28 -15.49
N LYS A 235 22.34 -9.04 -16.45
CA LYS A 235 21.92 -10.42 -16.59
C LYS A 235 22.50 -11.25 -15.46
N ASN A 236 21.84 -12.34 -15.13
CA ASN A 236 22.40 -13.32 -14.19
C ASN A 236 23.28 -14.30 -14.94
N THR A 237 23.76 -15.30 -14.23
CA THR A 237 24.64 -16.30 -14.82
C THR A 237 23.93 -17.02 -15.97
N PHE A 238 22.64 -17.27 -15.80
CA PHE A 238 21.83 -17.92 -16.82
C PHE A 238 21.79 -17.05 -18.05
N GLY A 239 22.03 -15.76 -17.84
CA GLY A 239 21.99 -14.75 -18.89
C GLY A 239 20.67 -14.03 -18.96
N ALA A 240 19.69 -14.54 -18.23
CA ALA A 240 18.45 -13.81 -18.00
C ALA A 240 18.74 -12.70 -17.01
N PRO A 241 17.89 -11.59 -17.04
CA PRO A 241 18.27 -10.53 -16.09
C PRO A 241 18.03 -11.02 -14.69
N ILE A 242 18.81 -10.55 -13.72
CA ILE A 242 18.65 -11.03 -12.37
C ILE A 242 17.31 -10.67 -11.80
N ARG A 243 16.88 -9.43 -12.04
CA ARG A 243 15.57 -8.97 -11.61
C ARG A 243 14.91 -8.44 -12.85
N ASP A 244 13.77 -8.99 -13.20
CA ASP A 244 13.15 -8.75 -14.50
C ASP A 244 11.83 -7.99 -14.35
N PHE A 245 11.79 -6.76 -14.87
CA PHE A 245 10.75 -5.78 -14.63
C PHE A 245 9.90 -5.53 -15.86
N SER A 246 9.94 -6.41 -16.85
CA SER A 246 9.20 -6.18 -18.09
C SER A 246 7.73 -5.90 -17.80
N LYS A 247 7.22 -6.51 -16.74
CA LYS A 247 5.81 -6.41 -16.37
C LYS A 247 5.42 -5.02 -15.87
N ILE A 248 6.31 -4.38 -15.13
CA ILE A 248 5.95 -3.17 -14.41
C ILE A 248 6.78 -1.97 -14.78
N GLU A 249 7.40 -2.03 -15.95
CA GLU A 249 8.33 -1.00 -16.36
C GLU A 249 7.72 0.36 -16.49
N GLY A 250 6.48 0.40 -16.96
CA GLY A 250 5.76 1.66 -17.01
C GLY A 250 5.57 2.16 -15.60
N HIS A 251 5.29 1.25 -14.70
CA HIS A 251 5.01 1.61 -13.34
C HIS A 251 6.18 2.31 -12.70
N LEU A 252 7.38 1.82 -12.97
CA LEU A 252 8.53 2.30 -12.26
C LEU A 252 8.66 3.77 -12.55
N ALA A 253 8.44 4.13 -13.79
CA ALA A 253 8.64 5.49 -14.20
C ALA A 253 7.68 6.36 -13.46
N TRP A 254 6.48 5.88 -13.24
CA TRP A 254 5.48 6.66 -12.54
C TRP A 254 5.94 6.93 -11.12
N THR A 255 6.46 5.91 -10.46
CA THR A 255 6.97 6.06 -9.12
C THR A 255 8.18 6.95 -9.05
N ILE A 256 9.12 6.77 -9.96
CA ILE A 256 10.30 7.60 -9.95
C ILE A 256 10.06 9.05 -10.29
N SER A 257 9.32 9.30 -11.36
CA SER A 257 9.08 10.66 -11.80
C SER A 257 8.21 11.42 -10.85
N THR A 258 7.18 10.77 -10.36
CA THR A 258 6.26 11.41 -9.47
C THR A 258 7.04 11.78 -8.26
N ALA A 259 7.94 10.91 -7.83
CA ALA A 259 8.80 11.31 -6.74
C ALA A 259 9.76 12.38 -7.19
N ALA A 260 10.41 12.17 -8.35
CA ALA A 260 11.33 13.17 -8.89
C ALA A 260 10.62 14.51 -9.08
N TYR A 261 9.40 14.47 -9.63
CA TYR A 261 8.59 15.67 -9.78
C TYR A 261 8.40 16.37 -8.42
N TYR A 262 8.00 15.62 -7.42
CA TYR A 262 7.78 16.22 -6.11
C TYR A 262 9.03 16.85 -5.50
N LYS A 263 10.17 16.21 -5.61
CA LYS A 263 11.39 16.74 -5.03
C LYS A 263 11.79 18.02 -5.72
N ALA A 264 11.64 18.04 -7.03
CA ALA A 264 12.12 19.12 -7.86
C ALA A 264 11.35 20.41 -7.65
N GLY A 265 10.21 20.32 -7.01
CA GLY A 265 9.45 21.51 -6.72
C GLY A 265 8.01 21.21 -6.43
N GLY A 266 7.22 21.20 -7.49
CA GLY A 266 5.79 21.11 -7.36
C GLY A 266 5.25 19.80 -6.86
N LYS A 267 4.17 19.84 -6.11
CA LYS A 267 3.43 18.67 -5.75
C LYS A 267 2.68 18.21 -6.97
N PRO A 268 2.58 16.82 -7.15
CA PRO A 268 1.75 16.44 -8.30
C PRO A 268 0.30 16.81 -8.16
N TRP A 269 -0.26 16.67 -6.97
CA TRP A 269 -1.68 16.77 -6.75
C TRP A 269 -2.03 17.14 -5.31
N LYS A 270 -3.30 17.38 -5.06
CA LYS A 270 -3.81 17.84 -3.77
C LYS A 270 -5.07 17.06 -3.52
N LEU A 271 -5.51 17.01 -2.28
CA LEU A 271 -6.77 16.36 -1.97
C LEU A 271 -7.88 17.23 -2.50
N GLY A 272 -8.83 16.63 -3.20
CA GLY A 272 -9.83 17.42 -3.86
C GLY A 272 -10.84 18.20 -3.06
N ASP A 273 -11.41 17.56 -2.06
CA ASP A 273 -12.46 18.17 -1.27
C ASP A 273 -12.16 17.94 0.18
N ILE A 274 -11.19 18.67 0.69
CA ILE A 274 -10.83 18.53 2.06
C ILE A 274 -11.30 19.82 2.66
N ARG A 275 -12.04 19.69 3.73
CA ARG A 275 -12.64 20.83 4.39
C ARG A 275 -11.53 21.68 4.90
N PRO A 276 -11.69 22.98 4.81
CA PRO A 276 -10.59 23.88 5.18
C PRO A 276 -10.22 23.66 6.64
N GLY A 277 -8.90 23.75 6.85
CA GLY A 277 -8.36 24.02 8.16
C GLY A 277 -8.19 22.82 9.04
N VAL A 278 -7.86 21.68 8.46
CA VAL A 278 -7.54 20.53 9.24
C VAL A 278 -6.03 20.44 9.38
N CYS A 279 -5.61 19.76 10.42
CA CYS A 279 -4.22 19.41 10.58
C CYS A 279 -4.16 17.91 10.85
N TYR A 280 -3.46 17.19 9.98
CA TYR A 280 -3.11 15.82 10.26
C TYR A 280 -1.66 15.79 10.68
N LEU A 281 -1.43 15.10 11.79
CA LEU A 281 -0.15 15.06 12.44
C LEU A 281 0.14 13.61 12.64
N GLY A 282 1.29 13.14 12.20
CA GLY A 282 1.60 11.73 12.33
C GLY A 282 2.78 11.55 13.23
N LEU A 283 2.59 10.75 14.27
CA LEU A 283 3.58 10.61 15.30
C LEU A 283 4.45 9.44 14.98
N VAL A 284 5.73 9.72 14.93
CA VAL A 284 6.72 8.78 14.51
C VAL A 284 7.72 8.71 15.64
N TYR A 285 8.13 7.50 15.96
CA TYR A 285 9.18 7.27 16.91
C TYR A 285 10.05 6.21 16.30
N LYS A 286 11.29 6.11 16.75
CA LYS A 286 12.10 4.94 16.52
C LYS A 286 12.90 4.64 17.79
N LYS A 287 12.99 3.37 18.14
CA LYS A 287 13.79 3.00 19.29
C LYS A 287 15.24 3.27 18.94
N ILE A 288 15.97 3.87 19.87
CA ILE A 288 17.40 4.01 19.70
C ILE A 288 18.01 2.82 20.39
N GLU A 289 18.49 1.85 19.63
CA GLU A 289 19.00 0.64 20.22
C GLU A 289 20.30 0.93 20.94
N LYS A 290 21.02 1.93 20.46
CA LYS A 290 22.37 2.18 20.93
C LYS A 290 22.45 2.46 22.43
N SER A 291 21.49 3.19 22.98
CA SER A 291 21.57 3.54 24.40
C SER A 291 21.53 2.35 25.34
N LYS A 292 22.32 2.45 26.40
CA LYS A 292 22.38 1.42 27.43
C LYS A 292 21.03 1.26 28.12
N ASN A 293 20.35 2.38 28.30
CA ASN A 293 19.01 2.40 28.85
C ASN A 293 18.06 2.26 27.66
N PRO A 294 17.29 1.08 27.61
CA PRO A 294 16.60 0.90 26.33
C PRO A 294 15.27 1.61 26.25
N GLN A 295 15.29 2.93 26.44
CA GLN A 295 14.14 3.76 26.19
C GLN A 295 14.49 4.92 25.28
N ASN A 296 15.67 4.89 24.70
CA ASN A 296 16.17 6.03 23.95
C ASN A 296 15.69 6.04 22.51
N ALA A 297 14.48 6.54 22.32
CA ALA A 297 13.88 6.56 21.00
C ALA A 297 13.57 7.97 20.51
N CYS A 298 14.00 8.24 19.29
CA CYS A 298 13.82 9.53 18.69
C CYS A 298 12.35 9.74 18.44
N CYS A 299 11.95 10.99 18.38
CA CYS A 299 10.55 11.32 18.23
C CYS A 299 10.36 12.34 17.12
N ALA A 300 9.21 12.28 16.46
CA ALA A 300 8.82 13.18 15.37
C ALA A 300 7.30 13.29 15.31
N ALA A 301 6.84 14.27 14.54
CA ALA A 301 5.46 14.36 14.12
C ALA A 301 5.52 14.90 12.72
N GLN A 302 4.67 14.40 11.82
CA GLN A 302 4.68 14.86 10.44
C GLN A 302 3.36 15.48 10.11
N MET A 303 3.41 16.70 9.60
CA MET A 303 2.18 17.46 9.45
C MET A 303 1.72 17.47 8.02
N PHE A 304 0.49 17.02 7.82
CA PHE A 304 -0.12 16.98 6.52
C PHE A 304 -1.38 17.76 6.62
N LEU A 305 -1.62 18.59 5.62
CA LEU A 305 -2.84 19.34 5.57
C LEU A 305 -3.72 18.81 4.46
N ASP A 306 -3.47 19.25 3.24
CA ASP A 306 -4.17 18.71 2.10
C ASP A 306 -3.30 18.24 0.94
N ASN A 307 -2.03 18.56 0.98
CA ASN A 307 -1.17 18.30 -0.14
C ASN A 307 -0.35 17.06 0.02
N GLY A 308 0.04 16.78 1.26
CA GLY A 308 0.92 15.66 1.49
C GLY A 308 2.36 15.99 1.18
N ASP A 309 2.64 17.25 0.92
CA ASP A 309 4.02 17.68 0.80
C ASP A 309 4.61 17.44 2.15
N GLY A 310 3.85 17.75 3.19
CA GLY A 310 4.09 17.25 4.52
C GLY A 310 5.10 18.15 5.15
N THR A 311 5.08 18.22 6.47
CA THR A 311 6.13 18.92 7.18
C THR A 311 6.55 18.00 8.28
N VAL A 312 7.85 17.78 8.44
CA VAL A 312 8.29 16.88 9.47
C VAL A 312 8.87 17.65 10.64
N PHE A 313 8.12 17.65 11.74
CA PHE A 313 8.57 18.30 12.96
C PHE A 313 9.42 17.29 13.69
N LYS A 314 10.71 17.62 13.86
CA LYS A 314 11.66 16.71 14.49
C LYS A 314 11.60 16.97 15.99
N GLY A 315 11.17 15.97 16.74
CA GLY A 315 11.26 16.00 18.18
C GLY A 315 12.60 15.44 18.66
N GLU A 316 13.02 15.95 19.82
CA GLU A 316 14.27 15.53 20.44
C GLU A 316 14.05 14.26 21.27
N VAL A 317 15.18 13.70 21.70
CA VAL A 317 15.28 12.29 22.05
C VAL A 317 14.89 12.08 23.51
N GLY A 318 13.97 11.15 23.77
CA GLY A 318 13.50 10.89 25.12
C GLY A 318 13.31 9.42 25.48
N PRO A 319 12.69 9.17 26.62
CA PRO A 319 12.37 7.81 27.08
C PRO A 319 10.95 7.55 26.62
N TRP A 320 10.82 7.39 25.32
CA TRP A 320 9.51 7.19 24.74
C TRP A 320 9.09 5.72 24.76
N TYR A 321 10.01 4.82 24.47
CA TYR A 321 9.67 3.40 24.41
C TYR A 321 9.39 2.85 25.79
N ASN A 322 8.43 1.94 25.88
CA ASN A 322 8.04 1.39 27.18
C ASN A 322 8.31 -0.10 27.30
N PRO A 323 9.06 -0.50 28.42
CA PRO A 323 9.29 -1.96 28.47
C PRO A 323 8.04 -2.76 28.77
N GLU A 324 7.27 -2.32 29.75
CA GLU A 324 6.07 -3.03 30.15
C GLU A 324 5.05 -3.03 29.04
N LYS A 325 4.86 -1.86 28.43
CA LYS A 325 3.75 -1.65 27.52
C LYS A 325 4.00 -1.93 26.03
N GLY A 326 5.25 -2.11 25.64
CA GLY A 326 5.51 -2.39 24.23
C GLY A 326 4.86 -1.33 23.37
N GLU A 327 5.06 -0.09 23.77
CA GLU A 327 4.34 1.05 23.24
C GLU A 327 5.30 2.21 23.12
N TYR A 328 4.90 3.25 22.43
CA TYR A 328 5.67 4.47 22.36
C TYR A 328 4.84 5.59 22.97
N HIS A 329 5.47 6.46 23.76
CA HIS A 329 4.75 7.57 24.39
C HIS A 329 5.63 8.76 24.78
N LEU A 330 5.01 9.89 25.09
CA LEU A 330 5.74 11.14 25.34
C LEU A 330 5.38 11.80 26.66
N LYS A 331 6.37 12.43 27.28
CA LYS A 331 6.20 13.29 28.42
C LYS A 331 5.53 14.56 27.96
N PRO A 332 4.78 15.27 28.91
CA PRO A 332 4.09 16.44 28.35
C PRO A 332 5.00 17.51 27.82
N LYS A 333 6.08 17.80 28.53
CA LYS A 333 6.86 18.98 28.21
C LYS A 333 7.45 18.95 26.82
N GLU A 334 7.96 17.80 26.40
CA GLU A 334 8.30 17.63 24.99
C GLU A 334 7.07 17.60 24.09
N ALA A 335 6.01 16.98 24.58
CA ALA A 335 4.77 16.84 23.85
C ALA A 335 4.15 18.17 23.53
N LYS A 336 4.23 19.09 24.46
CA LYS A 336 3.73 20.44 24.25
C LYS A 336 4.50 21.17 23.16
N ALA A 337 5.80 20.98 23.12
CA ALA A 337 6.61 21.63 22.11
C ALA A 337 6.23 21.15 20.72
N LEU A 338 5.98 19.86 20.58
CA LEU A 338 5.63 19.33 19.27
C LEU A 338 4.31 19.84 18.72
N LEU A 339 3.27 19.86 19.53
CA LEU A 339 2.00 20.31 19.05
C LEU A 339 2.18 21.76 18.70
N THR A 340 2.84 22.47 19.60
CA THR A 340 3.02 23.89 19.38
C THR A 340 3.85 24.10 18.14
N GLN A 341 4.88 23.29 17.98
CA GLN A 341 5.78 23.48 16.86
C GLN A 341 4.95 23.31 15.62
N ALA A 342 4.07 22.32 15.62
CA ALA A 342 3.13 22.12 14.54
C ALA A 342 2.09 23.20 14.39
N LEU A 343 1.51 23.63 15.50
CA LEU A 343 0.48 24.63 15.44
C LEU A 343 1.02 25.95 14.96
N GLU A 344 2.15 26.35 15.49
CA GLU A 344 2.73 27.63 15.12
C GLU A 344 3.18 27.67 13.69
N SER A 345 3.82 26.60 13.25
CA SER A 345 4.26 26.54 11.87
C SER A 345 3.08 26.54 10.97
N TYR A 346 2.00 25.90 11.40
CA TYR A 346 0.80 25.93 10.60
C TYR A 346 0.39 27.38 10.49
N LYS A 347 0.38 28.08 11.62
CA LYS A 347 -0.09 29.45 11.61
C LYS A 347 0.79 30.31 10.75
N GLU A 348 2.10 30.12 10.83
CA GLU A 348 3.01 30.91 10.02
C GLU A 348 2.67 30.58 8.60
N GLN A 349 2.31 29.33 8.36
CA GLN A 349 1.86 28.90 7.05
C GLN A 349 0.50 29.39 6.57
N ASN A 350 -0.51 29.30 7.43
CA ASN A 350 -1.90 29.51 7.01
C ASN A 350 -2.68 30.63 7.69
N LYS A 351 -2.00 31.47 8.45
CA LYS A 351 -2.60 32.69 8.96
C LYS A 351 -3.68 32.48 9.99
N SER A 352 -3.80 31.26 10.49
CA SER A 352 -4.73 30.95 11.58
C SER A 352 -4.40 29.62 12.21
N TYR A 353 -4.99 29.32 13.36
CA TYR A 353 -4.83 28.02 14.00
C TYR A 353 -5.91 27.10 13.45
N PRO A 354 -5.54 25.89 13.05
CA PRO A 354 -6.51 24.97 12.44
C PRO A 354 -7.64 24.59 13.37
N LYS A 355 -8.88 24.64 12.86
CA LYS A 355 -10.08 24.34 13.64
C LYS A 355 -10.26 22.86 13.90
N GLU A 356 -9.39 22.01 13.37
CA GLU A 356 -9.46 20.57 13.63
C GLU A 356 -8.08 19.98 13.43
N VAL A 357 -7.63 19.22 14.42
CA VAL A 357 -6.31 18.62 14.36
C VAL A 357 -6.43 17.16 14.68
N PHE A 358 -6.04 16.31 13.76
CA PHE A 358 -6.05 14.90 14.06
C PHE A 358 -4.62 14.51 14.29
N ILE A 359 -4.35 13.92 15.44
CA ILE A 359 -3.07 13.28 15.65
C ILE A 359 -3.28 11.79 15.52
N HIS A 360 -2.62 11.21 14.55
CA HIS A 360 -2.62 9.79 14.28
C HIS A 360 -1.38 9.14 14.89
N ALA A 361 -1.55 7.91 15.34
CA ALA A 361 -0.43 7.05 15.70
C ALA A 361 -0.99 5.63 15.79
N ARG A 362 -0.11 4.65 15.89
CA ARG A 362 -0.49 3.25 15.86
C ARG A 362 -0.78 2.73 17.25
N THR A 363 -0.70 3.62 18.22
CA THR A 363 -0.81 3.27 19.63
C THR A 363 -1.89 4.11 20.31
N ARG A 364 -2.39 3.64 21.44
CA ARG A 364 -3.35 4.40 22.20
C ARG A 364 -2.59 5.53 22.89
N PHE A 365 -3.31 6.52 23.37
CA PHE A 365 -2.69 7.68 23.99
C PHE A 365 -2.88 7.66 25.51
N ASN A 366 -1.81 7.86 26.26
CA ASN A 366 -1.94 7.98 27.69
C ASN A 366 -2.62 9.30 28.01
N ASP A 367 -3.50 9.31 29.00
CA ASP A 367 -4.30 10.48 29.29
C ASP A 367 -3.43 11.68 29.60
N GLU A 368 -2.34 11.46 30.31
CA GLU A 368 -1.40 12.53 30.58
C GLU A 368 -0.75 13.05 29.31
N GLU A 369 -0.41 12.16 28.39
CA GLU A 369 0.20 12.59 27.15
C GLU A 369 -0.73 13.45 26.34
N TRP A 370 -1.99 13.05 26.25
CA TRP A 370 -2.95 13.86 25.52
C TRP A 370 -3.19 15.19 26.20
N ASN A 371 -3.30 15.14 27.51
CA ASN A 371 -3.63 16.31 28.28
C ASN A 371 -2.55 17.34 28.13
N ALA A 372 -1.34 16.89 27.87
CA ALA A 372 -0.30 17.80 27.46
C ALA A 372 -0.69 18.42 26.13
N PHE A 373 -1.20 17.60 25.23
CA PHE A 373 -1.64 18.09 23.94
C PHE A 373 -2.80 19.04 24.10
N ASN A 374 -3.70 18.75 25.03
CA ASN A 374 -4.86 19.59 25.16
C ASN A 374 -4.44 21.00 25.52
N GLU A 375 -3.52 21.10 26.46
CA GLU A 375 -3.20 22.39 27.04
C GLU A 375 -2.60 23.36 26.03
N VAL A 376 -1.74 22.86 25.17
CA VAL A 376 -1.13 23.70 24.13
C VAL A 376 -2.16 24.23 23.14
N THR A 377 -3.17 23.42 22.86
CA THR A 377 -4.15 23.69 21.82
C THR A 377 -5.07 24.89 22.04
N PRO A 378 -5.35 25.64 20.89
CA PRO A 378 -6.23 26.79 21.13
C PRO A 378 -7.58 26.31 21.60
N LYS A 379 -8.36 27.17 22.22
CA LYS A 379 -9.57 26.77 22.92
C LYS A 379 -10.63 26.12 22.04
N ASN A 380 -10.87 26.68 20.87
CA ASN A 380 -11.90 26.16 19.98
C ASN A 380 -11.43 25.19 18.89
N THR A 381 -10.13 24.97 18.79
CA THR A 381 -9.59 23.94 17.91
C THR A 381 -9.95 22.61 18.51
N ASN A 382 -10.35 21.65 17.68
CA ASN A 382 -10.66 20.32 18.16
C ASN A 382 -9.56 19.36 17.85
N LEU A 383 -9.07 18.72 18.88
CA LEU A 383 -7.94 17.86 18.75
C LEU A 383 -8.45 16.45 18.83
N VAL A 384 -8.14 15.66 17.80
CA VAL A 384 -8.52 14.25 17.78
C VAL A 384 -7.26 13.40 17.73
N GLY A 385 -7.19 12.44 18.63
CA GLY A 385 -6.20 11.38 18.55
C GLY A 385 -6.88 10.22 17.90
N VAL A 386 -6.20 9.59 16.93
CA VAL A 386 -6.75 8.48 16.17
C VAL A 386 -5.69 7.40 16.12
N THR A 387 -6.02 6.20 16.58
CA THR A 387 -5.07 5.11 16.57
C THR A 387 -5.39 4.21 15.39
N ILE A 388 -4.50 4.17 14.42
CA ILE A 388 -4.71 3.37 13.23
C ILE A 388 -3.88 2.13 13.41
N THR A 389 -4.53 1.03 13.72
CA THR A 389 -3.81 -0.19 13.99
C THR A 389 -4.20 -1.23 12.99
N LYS A 390 -3.20 -1.77 12.30
CA LYS A 390 -3.42 -2.81 11.34
C LYS A 390 -3.13 -4.05 12.18
N SER A 391 -4.13 -4.52 12.90
CA SER A 391 -3.93 -5.65 13.79
C SER A 391 -4.58 -6.54 12.79
N LYS A 392 -4.52 -7.85 12.97
CA LYS A 392 -5.14 -8.77 12.02
C LYS A 392 -6.61 -9.09 12.32
N PRO A 393 -7.54 -8.07 12.08
CA PRO A 393 -8.91 -8.43 12.44
C PRO A 393 -9.87 -8.32 11.29
N LEU A 394 -10.97 -9.02 11.39
CA LEU A 394 -12.05 -8.83 10.45
C LEU A 394 -11.58 -8.94 9.02
N LYS A 395 -10.83 -9.98 8.70
CA LYS A 395 -10.49 -10.24 7.33
C LYS A 395 -11.81 -10.61 6.73
N LEU A 396 -12.22 -9.93 5.69
CA LEU A 396 -13.56 -10.11 5.19
C LEU A 396 -13.46 -10.69 3.82
N TYR A 397 -14.16 -11.80 3.64
CA TYR A 397 -14.07 -12.55 2.42
C TYR A 397 -15.38 -12.40 1.69
N LYS A 398 -15.32 -11.91 0.46
CA LYS A 398 -16.54 -11.73 -0.30
C LYS A 398 -17.10 -13.08 -0.61
N THR A 399 -18.41 -13.22 -0.50
CA THR A 399 -19.05 -14.50 -0.71
C THR A 399 -18.92 -15.02 -2.12
N GLU A 400 -19.14 -14.17 -3.10
CA GLU A 400 -19.17 -14.62 -4.47
C GLU A 400 -18.13 -13.93 -5.30
N GLY A 401 -17.42 -14.71 -6.09
CA GLY A 401 -16.46 -14.16 -7.01
C GLY A 401 -15.07 -14.36 -6.53
N ALA A 402 -14.14 -14.30 -7.47
CA ALA A 402 -12.73 -14.40 -7.20
C ALA A 402 -12.21 -13.23 -6.39
N PHE A 403 -12.69 -12.04 -6.73
CA PHE A 403 -12.16 -10.81 -6.19
C PHE A 403 -12.63 -10.45 -4.79
N PRO A 404 -11.81 -9.55 -4.10
CA PRO A 404 -12.25 -9.27 -2.73
C PRO A 404 -13.14 -8.05 -2.59
N ILE A 405 -13.48 -7.70 -1.35
CA ILE A 405 -14.36 -6.58 -1.07
C ILE A 405 -13.73 -5.35 -1.65
N MET A 406 -14.48 -4.53 -2.36
CA MET A 406 -13.85 -3.35 -2.91
C MET A 406 -13.47 -2.37 -1.81
N ARG A 407 -12.50 -1.51 -2.10
CA ARG A 407 -11.90 -0.65 -1.09
C ARG A 407 -12.73 0.59 -0.85
N GLY A 408 -12.95 0.88 0.42
CA GLY A 408 -13.90 1.89 0.87
C GLY A 408 -15.00 1.30 1.74
N ASN A 409 -15.26 0.01 1.58
CA ASN A 409 -16.11 -0.63 2.55
C ASN A 409 -15.49 -0.41 3.92
N ALA A 410 -16.33 -0.17 4.91
CA ALA A 410 -15.88 -0.04 6.27
C ALA A 410 -16.97 -0.58 7.13
N TYR A 411 -16.60 -1.07 8.30
CA TYR A 411 -17.54 -1.57 9.26
C TYR A 411 -17.30 -0.67 10.43
N ILE A 412 -18.35 -0.12 11.02
CA ILE A 412 -18.15 0.80 12.12
C ILE A 412 -18.53 0.16 13.43
N VAL A 413 -17.53 -0.14 14.25
CA VAL A 413 -17.76 -0.86 15.49
C VAL A 413 -18.55 -0.07 16.52
N ASP A 414 -18.18 1.18 16.69
CA ASP A 414 -18.66 2.02 17.77
C ASP A 414 -18.69 3.38 17.18
N GLU A 415 -19.31 4.32 17.85
CA GLU A 415 -19.29 5.68 17.36
C GLU A 415 -17.83 6.09 17.33
N LYS A 416 -17.09 5.69 18.34
CA LYS A 416 -15.63 5.82 18.37
C LYS A 416 -14.78 4.96 17.43
N LYS A 417 -15.11 3.68 17.26
CA LYS A 417 -14.19 2.76 16.56
C LYS A 417 -14.70 2.03 15.33
N ALA A 418 -13.90 2.05 14.27
CA ALA A 418 -14.29 1.55 12.96
C ALA A 418 -13.20 0.78 12.26
N PHE A 419 -13.60 0.00 11.26
CA PHE A 419 -12.69 -0.77 10.42
C PHE A 419 -12.76 -0.24 9.00
N LEU A 420 -11.62 0.12 8.44
CA LEU A 420 -11.60 0.72 7.12
C LEU A 420 -10.83 -0.16 6.18
N TRP A 421 -11.37 -0.34 5.00
CA TRP A 421 -10.68 -1.07 3.98
C TRP A 421 -10.05 -0.06 3.07
N THR A 422 -8.76 0.17 3.27
CA THR A 422 -7.99 0.98 2.37
C THR A 422 -7.39 0.12 1.28
N LEU A 423 -7.61 -1.18 1.38
CA LEU A 423 -7.07 -2.17 0.51
C LEU A 423 -8.22 -3.00 0.03
N GLY A 424 -8.08 -3.68 -1.09
CA GLY A 424 -9.17 -4.43 -1.65
C GLY A 424 -9.47 -3.97 -3.04
N PHE A 425 -10.33 -4.69 -3.72
CA PHE A 425 -10.46 -4.56 -5.14
C PHE A 425 -10.85 -3.14 -5.44
N VAL A 426 -10.29 -2.61 -6.50
CA VAL A 426 -10.51 -1.24 -6.91
C VAL A 426 -10.93 -1.25 -8.37
N PRO A 427 -12.19 -0.91 -8.67
CA PRO A 427 -12.70 -1.12 -10.04
C PRO A 427 -12.01 -0.32 -11.12
N LYS A 428 -11.59 0.92 -10.86
CA LYS A 428 -10.82 1.63 -11.85
C LYS A 428 -9.62 0.82 -12.25
N LEU A 429 -9.05 0.10 -11.29
CA LEU A 429 -7.91 -0.77 -11.51
C LEU A 429 -8.31 -2.13 -12.04
N GLN A 430 -9.55 -2.55 -11.81
CA GLN A 430 -9.90 -3.95 -11.91
C GLN A 430 -8.73 -4.75 -11.33
N SER A 431 -8.21 -4.37 -10.18
CA SER A 431 -7.30 -5.24 -9.47
C SER A 431 -7.47 -5.00 -8.00
N THR A 432 -7.06 -5.95 -7.22
CA THR A 432 -7.06 -5.75 -5.80
C THR A 432 -5.77 -5.05 -5.44
N LEU A 433 -5.84 -4.22 -4.39
CA LEU A 433 -4.69 -3.41 -4.01
C LEU A 433 -3.75 -4.18 -3.10
N SER A 434 -4.30 -4.84 -2.08
CA SER A 434 -3.58 -5.91 -1.37
C SER A 434 -3.71 -7.17 -2.19
N MET A 435 -2.58 -7.77 -2.52
CA MET A 435 -2.70 -8.81 -3.50
C MET A 435 -3.25 -10.09 -2.87
N GLU A 436 -3.22 -10.21 -1.53
CA GLU A 436 -4.01 -11.22 -0.88
C GLU A 436 -5.36 -10.65 -0.41
N VAL A 437 -6.16 -11.51 0.22
CA VAL A 437 -7.43 -11.01 0.75
C VAL A 437 -7.11 -9.88 1.72
N PRO A 438 -7.76 -8.74 1.57
CA PRO A 438 -7.28 -7.52 2.22
C PRO A 438 -7.64 -7.48 3.70
N ASN A 439 -6.73 -6.83 4.45
CA ASN A 439 -6.77 -6.63 5.88
C ASN A 439 -7.12 -5.20 6.19
N PRO A 440 -8.28 -4.94 6.75
CA PRO A 440 -8.72 -3.58 7.01
C PRO A 440 -7.98 -3.06 8.20
N ILE A 441 -7.93 -1.75 8.38
CA ILE A 441 -7.24 -1.19 9.51
C ILE A 441 -8.23 -0.66 10.53
N PHE A 442 -8.08 -1.09 11.78
CA PHE A 442 -8.92 -0.65 12.86
C PHE A 442 -8.64 0.81 12.96
N ILE A 443 -9.66 1.65 13.14
CA ILE A 443 -9.40 3.04 13.43
C ILE A 443 -10.14 3.39 14.68
N GLU A 444 -9.46 3.87 15.69
CA GLU A 444 -10.14 4.24 16.93
C GLU A 444 -9.77 5.63 17.28
N ILE A 445 -10.74 6.44 17.63
CA ILE A 445 -10.45 7.77 18.09
C ILE A 445 -10.11 7.57 19.55
N ASN A 446 -8.84 7.31 19.83
CA ASN A 446 -8.45 6.94 21.17
C ASN A 446 -8.79 8.07 22.09
N LYS A 447 -8.41 9.27 21.69
CA LYS A 447 -8.63 10.43 22.51
C LYS A 447 -9.19 11.50 21.64
N GLY A 448 -10.00 12.35 22.21
CA GLY A 448 -10.69 13.35 21.44
C GLY A 448 -12.03 12.78 21.07
N GLU A 449 -12.90 13.66 20.61
CA GLU A 449 -14.23 13.29 20.13
C GLU A 449 -14.42 13.83 18.71
N ALA A 450 -14.98 12.98 17.86
CA ALA A 450 -15.16 13.30 16.46
C ALA A 450 -16.24 12.37 15.89
N GLU A 451 -16.66 12.66 14.67
CA GLU A 451 -17.54 11.75 13.95
C GLU A 451 -16.69 10.72 13.23
N ILE A 452 -16.76 9.47 13.69
CA ILE A 452 -15.98 8.38 13.11
C ILE A 452 -16.11 8.32 11.59
N GLN A 453 -17.28 8.69 11.06
CA GLN A 453 -17.48 8.71 9.62
C GLN A 453 -16.58 9.72 8.92
N GLN A 454 -16.30 10.85 9.56
CA GLN A 454 -15.36 11.78 8.94
C GLN A 454 -13.95 11.25 9.05
N VAL A 455 -13.65 10.60 10.18
CA VAL A 455 -12.36 9.99 10.42
C VAL A 455 -12.02 8.97 9.34
N LEU A 456 -12.87 7.95 9.19
CA LEU A 456 -12.69 7.00 8.08
C LEU A 456 -12.53 7.73 6.77
N LYS A 457 -13.43 8.66 6.48
CA LYS A 457 -13.29 9.50 5.31
C LYS A 457 -11.89 10.09 5.23
N ASP A 458 -11.47 10.86 6.24
CA ASP A 458 -10.23 11.60 6.14
C ASP A 458 -9.04 10.68 5.96
N ILE A 459 -9.12 9.49 6.55
CA ILE A 459 -8.05 8.53 6.43
C ILE A 459 -8.07 7.88 5.05
N LEU A 460 -9.24 7.46 4.59
CA LEU A 460 -9.32 7.05 3.20
C LEU A 460 -8.72 8.10 2.30
N ALA A 461 -9.03 9.37 2.56
CA ALA A 461 -8.41 10.45 1.80
C ALA A 461 -6.91 10.43 1.90
N LEU A 462 -6.40 10.26 3.12
CA LEU A 462 -4.98 10.41 3.33
C LEU A 462 -4.12 9.31 2.70
N THR A 463 -4.72 8.23 2.19
CA THR A 463 -3.90 7.27 1.48
C THR A 463 -3.58 7.74 0.08
N LYS A 464 -4.27 8.77 -0.35
CA LYS A 464 -4.13 9.28 -1.70
C LYS A 464 -2.98 10.27 -1.86
N LEU A 465 -2.26 10.59 -0.80
CA LEU A 465 -1.34 11.71 -0.86
C LEU A 465 0.13 11.38 -0.98
N ASN A 466 0.48 10.14 -1.28
CA ASN A 466 1.85 9.74 -1.27
C ASN A 466 2.48 10.08 -2.59
N TYR A 467 3.18 11.19 -2.64
CA TYR A 467 3.80 11.64 -3.86
C TYR A 467 4.84 10.69 -4.31
N ASN A 468 5.59 10.15 -3.35
CA ASN A 468 6.70 9.28 -3.70
C ASN A 468 6.37 7.97 -4.40
N ALA A 469 5.38 7.23 -3.91
CA ALA A 469 4.98 6.01 -4.57
C ALA A 469 3.70 6.34 -5.21
N CYS A 470 3.70 6.43 -6.53
CA CYS A 470 2.52 6.88 -7.20
C CYS A 470 1.67 5.70 -7.51
N ILE A 471 0.60 5.56 -6.75
CA ILE A 471 -0.32 4.47 -6.91
C ILE A 471 -1.72 4.99 -6.68
N TYR A 472 -2.70 4.15 -6.93
CA TYR A 472 -4.06 4.58 -6.83
C TYR A 472 -4.28 5.05 -5.42
N ALA A 473 -3.85 4.27 -4.45
CA ALA A 473 -3.89 4.71 -3.07
C ALA A 473 -2.97 3.83 -2.28
N ASP A 474 -2.49 4.30 -1.14
CA ASP A 474 -1.68 3.42 -0.31
C ASP A 474 -2.54 2.74 0.76
N GLY A 475 -1.97 1.69 1.36
CA GLY A 475 -2.66 1.00 2.42
C GLY A 475 -2.88 1.88 3.63
N GLU A 476 -1.88 2.60 4.02
CA GLU A 476 -1.83 3.46 5.18
C GLU A 476 -1.99 4.93 4.81
N PRO A 477 -2.62 5.75 5.64
CA PRO A 477 -2.58 7.19 5.40
C PRO A 477 -1.17 7.71 5.53
N VAL A 478 -0.83 8.66 4.66
CA VAL A 478 0.50 9.25 4.59
C VAL A 478 0.97 9.80 5.93
N THR A 479 0.05 10.03 6.88
CA THR A 479 0.48 10.40 8.23
C THR A 479 1.42 9.36 8.81
N LEU A 480 0.98 8.11 8.87
CA LEU A 480 1.80 7.06 9.43
C LEU A 480 2.47 6.17 8.42
N ARG A 481 2.29 6.41 7.14
CA ARG A 481 2.86 5.52 6.14
C ARG A 481 4.36 5.50 6.21
N PHE A 482 4.97 6.66 6.38
CA PHE A 482 6.40 6.77 6.22
C PHE A 482 7.19 6.74 7.51
N ALA A 483 6.53 6.43 8.62
CA ALA A 483 7.20 6.49 9.89
C ALA A 483 8.36 5.53 9.98
N ASN A 484 8.18 4.31 9.52
CA ASN A 484 9.25 3.32 9.67
C ASN A 484 10.48 3.75 8.92
N LYS A 485 10.30 4.29 7.72
CA LYS A 485 11.39 4.92 7.00
C LYS A 485 11.88 6.18 7.66
N ILE A 486 10.97 6.99 8.17
CA ILE A 486 11.35 8.22 8.83
C ILE A 486 12.15 7.90 10.09
N GLY A 487 11.73 6.84 10.78
CA GLY A 487 12.28 6.58 12.08
C GLY A 487 13.76 6.38 11.99
N GLU A 488 14.24 5.72 10.95
CA GLU A 488 15.66 5.51 10.81
C GLU A 488 16.28 6.87 10.73
N ILE A 489 15.66 7.74 9.95
CA ILE A 489 16.26 9.03 9.63
C ILE A 489 16.42 9.91 10.84
N LEU A 490 15.45 9.91 11.72
CA LEU A 490 15.62 10.57 13.00
C LEU A 490 16.93 10.13 13.66
N THR A 491 17.03 8.84 13.90
CA THR A 491 18.12 8.27 14.68
C THR A 491 19.45 8.35 13.92
N ALA A 492 19.40 8.08 12.63
CA ALA A 492 20.63 7.98 11.88
C ALA A 492 21.35 9.30 12.03
N SER A 493 20.62 10.41 12.02
CA SER A 493 21.22 11.66 12.42
C SER A 493 20.58 12.17 13.71
N THR A 494 21.38 12.23 14.76
CA THR A 494 20.89 12.72 16.05
C THR A 494 21.57 13.99 16.60
N GLU A 495 22.78 14.29 16.16
CA GLU A 495 23.45 15.49 16.62
C GLU A 495 22.64 16.69 16.16
N ILE A 496 22.11 16.59 14.96
CA ILE A 496 21.43 17.70 14.32
C ILE A 496 20.20 18.11 15.08
N LYS A 497 19.85 19.39 14.99
CA LYS A 497 18.60 19.90 15.49
C LYS A 497 18.00 20.60 14.30
N THR A 498 17.49 19.79 13.39
CA THR A 498 16.98 20.25 12.11
C THR A 498 15.65 20.97 12.18
N PRO A 499 15.53 22.03 11.26
CA PRO A 499 14.27 22.76 11.40
C PRO A 499 13.12 21.92 10.88
N PRO A 500 11.82 22.30 11.22
CA PRO A 500 10.80 21.46 10.56
C PRO A 500 10.96 21.53 9.06
N LEU A 501 10.88 20.40 8.38
CA LEU A 501 11.14 20.33 6.95
C LEU A 501 10.11 19.51 6.21
N ALA A 502 9.99 19.83 4.93
CA ALA A 502 9.08 19.17 4.02
C ALA A 502 9.58 17.79 3.69
N PHE A 503 8.70 16.94 3.18
CA PHE A 503 8.99 15.55 3.01
C PHE A 503 10.17 15.27 2.09
N LYS A 504 10.34 16.05 1.03
CA LYS A 504 11.27 15.68 -0.02
C LYS A 504 12.63 15.54 0.60
N TYR A 505 12.86 16.35 1.61
CA TYR A 505 14.05 16.23 2.39
C TYR A 505 14.16 14.92 3.16
N TYR A 506 13.05 14.46 3.71
CA TYR A 506 13.05 13.21 4.45
C TYR A 506 12.70 11.98 3.63
N ILE A 507 12.36 12.15 2.36
CA ILE A 507 11.85 11.02 1.58
C ILE A 507 12.88 9.94 1.39
N MET B 1 -21.13 22.65 -42.20
CA MET B 1 -19.84 23.06 -41.64
C MET B 1 -19.14 21.86 -41.00
N ARG B 2 -17.82 21.89 -40.96
CA ARG B 2 -17.03 20.78 -40.41
C ARG B 2 -16.07 21.22 -39.33
N ASN B 3 -16.18 20.62 -38.13
CA ASN B 3 -15.28 20.92 -37.02
C ASN B 3 -14.47 19.77 -36.44
N LYS B 4 -14.91 18.54 -36.67
CA LYS B 4 -14.40 17.39 -35.94
C LYS B 4 -12.98 16.99 -36.28
N ILE B 5 -12.36 16.22 -35.40
CA ILE B 5 -11.08 15.58 -35.64
C ILE B 5 -11.28 14.09 -35.47
N PHE B 6 -11.61 13.40 -36.56
CA PHE B 6 -11.90 11.98 -36.49
C PHE B 6 -10.62 11.20 -36.26
N ILE B 7 -10.62 10.29 -35.28
CA ILE B 7 -9.47 9.44 -35.05
C ILE B 7 -9.79 8.02 -35.44
N SER B 8 -9.06 7.55 -36.45
CA SER B 8 -9.09 6.16 -36.88
C SER B 8 -7.92 5.41 -36.26
N HIS B 9 -8.23 4.29 -35.65
CA HIS B 9 -7.28 3.65 -34.78
C HIS B 9 -7.59 2.17 -34.76
N ALA B 10 -6.57 1.38 -34.44
CA ALA B 10 -6.73 -0.04 -34.21
C ALA B 10 -6.96 -0.30 -32.72
N THR B 11 -7.86 -1.21 -32.42
CA THR B 11 -8.07 -1.59 -31.05
C THR B 11 -7.94 -3.09 -30.95
N PRO B 12 -7.28 -3.70 -29.85
CA PRO B 12 -6.91 -2.81 -28.75
C PRO B 12 -5.47 -2.36 -28.78
N GLU B 13 -4.76 -2.59 -29.88
CA GLU B 13 -3.34 -2.31 -29.95
C GLU B 13 -2.94 -0.85 -29.76
N ASP B 14 -3.69 0.08 -30.33
CA ASP B 14 -3.34 1.48 -30.24
C ASP B 14 -4.28 2.20 -29.29
N ASP B 15 -5.00 1.40 -28.51
CA ASP B 15 -5.98 1.92 -27.59
C ASP B 15 -5.36 2.81 -26.54
N ASP B 16 -4.19 2.45 -26.07
CA ASP B 16 -3.54 3.26 -25.06
C ASP B 16 -3.20 4.64 -25.60
N PHE B 17 -2.67 4.71 -26.80
CA PHE B 17 -2.45 6.00 -27.45
C PHE B 17 -3.71 6.73 -27.89
N THR B 18 -4.63 5.99 -28.49
CA THR B 18 -5.77 6.62 -29.12
C THR B 18 -6.58 7.30 -28.06
N ARG B 19 -6.67 6.64 -26.93
CA ARG B 19 -7.33 7.14 -25.74
C ARG B 19 -6.62 8.34 -25.15
N TRP B 20 -5.30 8.31 -25.16
CA TRP B 20 -4.50 9.45 -24.74
C TRP B 20 -4.58 10.63 -25.65
N LEU B 21 -4.55 10.39 -26.96
CA LEU B 21 -4.66 11.49 -27.89
C LEU B 21 -6.00 12.17 -27.87
N SER B 22 -7.06 11.39 -27.90
CA SER B 22 -8.37 11.99 -27.99
C SER B 22 -8.69 12.79 -26.76
N LEU B 23 -8.45 12.21 -25.58
CA LEU B 23 -8.75 12.88 -24.34
C LEU B 23 -7.89 14.12 -24.18
N LYS B 24 -6.64 14.03 -24.56
CA LYS B 24 -5.78 15.19 -24.48
C LYS B 24 -6.30 16.21 -25.44
N LEU B 25 -6.68 15.77 -26.63
CA LEU B 25 -7.20 16.69 -27.62
C LEU B 25 -8.52 17.28 -27.21
N ILE B 26 -9.41 16.44 -26.71
CA ILE B 26 -10.75 16.86 -26.39
C ILE B 26 -10.64 17.91 -25.34
N GLY B 27 -9.76 17.69 -24.39
CA GLY B 27 -9.53 18.65 -23.35
C GLY B 27 -9.01 19.95 -23.89
N LEU B 28 -8.13 19.87 -24.86
CA LEU B 28 -7.51 21.08 -25.43
C LEU B 28 -8.47 21.99 -26.18
N GLY B 29 -9.70 21.56 -26.44
CA GLY B 29 -10.63 22.34 -27.22
C GLY B 29 -11.18 21.64 -28.42
N TYR B 30 -10.54 20.57 -28.84
CA TYR B 30 -10.88 19.95 -30.10
C TYR B 30 -12.11 19.10 -30.01
N GLU B 31 -12.74 18.86 -31.15
CA GLU B 31 -13.85 17.95 -31.18
C GLU B 31 -13.31 16.73 -31.85
N VAL B 32 -13.37 15.60 -31.18
CA VAL B 32 -12.76 14.40 -31.68
C VAL B 32 -13.82 13.36 -31.82
N TRP B 33 -13.86 12.70 -32.97
CA TRP B 33 -14.72 11.57 -33.13
C TRP B 33 -13.80 10.39 -33.14
N CYS B 34 -14.06 9.46 -32.23
CA CYS B 34 -13.29 8.26 -32.10
C CYS B 34 -14.24 7.18 -31.65
N ASP B 35 -13.97 5.94 -32.01
CA ASP B 35 -14.84 4.85 -31.62
C ASP B 35 -14.85 4.75 -30.11
N ILE B 36 -13.78 5.24 -29.51
CA ILE B 36 -13.46 5.03 -28.12
C ILE B 36 -14.56 5.56 -27.21
N LEU B 37 -15.07 6.75 -27.50
CA LEU B 37 -16.14 7.34 -26.68
C LEU B 37 -17.50 6.65 -26.70
N PHE B 38 -17.93 6.18 -27.86
CA PHE B 38 -19.27 5.65 -28.03
C PHE B 38 -19.43 4.20 -27.57
N LEU B 39 -20.67 3.72 -27.57
CA LEU B 39 -21.00 2.31 -27.52
C LEU B 39 -22.06 2.01 -28.58
N ASP B 40 -21.65 1.99 -29.84
CA ASP B 40 -22.57 1.94 -30.96
C ASP B 40 -23.40 0.66 -30.95
N LYS B 41 -24.68 0.78 -31.34
CA LYS B 41 -25.57 -0.37 -31.51
C LYS B 41 -26.28 -0.48 -32.87
N GLY B 42 -25.76 0.18 -33.90
CA GLY B 42 -26.50 0.26 -35.14
C GLY B 42 -25.81 -0.20 -36.42
N VAL B 43 -26.63 -0.55 -37.41
CA VAL B 43 -26.14 -0.90 -38.73
C VAL B 43 -25.45 0.31 -39.32
N ASP B 44 -25.98 1.49 -39.01
CA ASP B 44 -25.44 2.73 -39.52
C ASP B 44 -24.03 2.93 -38.98
N PHE B 45 -23.68 2.14 -37.98
CA PHE B 45 -22.58 2.40 -37.10
C PHE B 45 -21.38 2.56 -37.97
N TRP B 46 -21.29 1.75 -39.00
CA TRP B 46 -20.30 2.06 -40.02
C TRP B 46 -20.70 3.36 -40.67
N SER B 47 -22.00 3.54 -40.84
CA SER B 47 -22.51 4.72 -41.48
C SER B 47 -22.13 5.95 -40.68
N THR B 48 -22.22 5.84 -39.38
CA THR B 48 -22.03 7.01 -38.55
C THR B 48 -20.64 7.51 -38.82
N ILE B 49 -19.69 6.59 -38.92
CA ILE B 49 -18.33 6.98 -39.19
C ILE B 49 -18.27 7.65 -40.53
N GLU B 50 -18.93 7.04 -41.50
CA GLU B 50 -18.89 7.57 -42.84
C GLU B 50 -19.54 8.94 -42.91
N LYS B 51 -20.68 9.09 -42.27
CA LYS B 51 -21.34 10.38 -42.31
C LYS B 51 -20.44 11.39 -41.64
N GLU B 52 -19.90 11.01 -40.50
CA GLU B 52 -19.04 11.91 -39.77
C GLU B 52 -17.76 12.23 -40.52
N ILE B 53 -17.17 11.21 -41.12
CA ILE B 53 -16.01 11.42 -41.96
C ILE B 53 -16.41 12.21 -43.18
N ARG B 54 -17.55 11.85 -43.75
CA ARG B 54 -17.98 12.45 -44.98
C ARG B 54 -18.14 13.93 -44.70
N GLU B 55 -19.05 14.29 -43.81
CA GLU B 55 -19.43 15.69 -43.67
C GLU B 55 -18.73 16.60 -42.68
N ASN B 56 -18.76 16.22 -41.41
CA ASN B 56 -18.33 17.08 -40.33
C ASN B 56 -16.90 16.90 -39.87
N THR B 57 -16.18 15.99 -40.50
CA THR B 57 -14.82 15.72 -40.05
C THR B 57 -13.83 16.66 -40.73
N CYS B 58 -13.34 17.62 -39.96
CA CYS B 58 -12.32 18.54 -40.40
C CYS B 58 -10.97 17.90 -40.67
N LYS B 59 -10.62 16.96 -39.81
CA LYS B 59 -9.35 16.29 -39.95
C LYS B 59 -9.47 14.82 -39.76
N PHE B 60 -8.76 14.05 -40.58
CA PHE B 60 -8.72 12.63 -40.34
C PHE B 60 -7.38 12.35 -39.69
N LEU B 61 -7.41 11.88 -38.44
CA LEU B 61 -6.22 11.36 -37.80
C LEU B 61 -6.26 9.85 -37.89
N ILE B 62 -5.19 9.23 -38.33
CA ILE B 62 -5.10 7.79 -38.32
C ILE B 62 -3.87 7.41 -37.52
N VAL B 63 -4.04 6.48 -36.59
CA VAL B 63 -2.97 5.83 -35.85
C VAL B 63 -2.06 5.10 -36.82
N SER B 64 -0.83 5.56 -36.98
CA SER B 64 0.12 4.89 -37.87
C SER B 64 0.91 3.89 -37.03
N SER B 65 0.24 2.80 -36.68
CA SER B 65 0.85 1.65 -36.06
C SER B 65 0.93 0.56 -37.11
N THR B 66 1.76 -0.46 -36.85
CA THR B 66 1.78 -1.57 -37.79
C THR B 66 0.41 -2.19 -37.91
N ALA B 67 -0.27 -2.34 -36.79
CA ALA B 67 -1.60 -2.90 -36.75
C ALA B 67 -2.57 -2.02 -37.47
N GLY B 68 -2.40 -0.72 -37.35
CA GLY B 68 -3.35 0.20 -37.94
C GLY B 68 -3.40 0.10 -39.43
N ASN B 69 -2.24 0.03 -40.06
CA ASN B 69 -2.15 -0.11 -41.51
C ASN B 69 -2.70 -1.42 -42.05
N LYS B 70 -2.50 -2.48 -41.30
CA LYS B 70 -2.93 -3.81 -41.70
C LYS B 70 -4.33 -4.12 -41.23
N ARG B 71 -4.99 -3.17 -40.59
CA ARG B 71 -6.32 -3.43 -40.05
C ARG B 71 -7.43 -3.26 -41.05
N GLU B 72 -8.33 -4.23 -41.10
CA GLU B 72 -9.44 -4.14 -42.02
C GLU B 72 -10.36 -2.97 -41.72
N GLY B 73 -10.72 -2.79 -40.46
CA GLY B 73 -11.62 -1.72 -40.11
C GLY B 73 -11.05 -0.34 -40.34
N VAL B 74 -9.80 -0.14 -39.96
CA VAL B 74 -9.12 1.11 -40.17
C VAL B 74 -8.91 1.41 -41.64
N LEU B 75 -8.56 0.37 -42.39
CA LEU B 75 -8.35 0.52 -43.81
C LEU B 75 -9.66 0.92 -44.46
N LYS B 76 -10.76 0.36 -43.99
CA LYS B 76 -12.07 0.79 -44.43
C LYS B 76 -12.32 2.23 -44.02
N GLU B 77 -11.92 2.56 -42.80
CA GLU B 77 -12.08 3.90 -42.28
C GLU B 77 -11.25 4.84 -43.12
N LEU B 78 -10.08 4.39 -43.52
CA LEU B 78 -9.18 5.18 -44.32
C LEU B 78 -9.79 5.49 -45.66
N ALA B 79 -10.51 4.51 -46.20
CA ALA B 79 -10.98 4.61 -47.56
C ALA B 79 -11.65 5.94 -47.81
N VAL B 80 -12.47 6.39 -46.88
CA VAL B 80 -13.22 7.64 -47.04
C VAL B 80 -12.41 8.93 -47.13
N ALA B 81 -11.37 9.06 -46.33
CA ALA B 81 -10.64 10.32 -46.29
C ALA B 81 -10.07 10.59 -47.65
N THR B 82 -9.53 9.54 -48.27
CA THR B 82 -9.02 9.65 -49.60
C THR B 82 -10.17 9.99 -50.53
N LYS B 83 -11.30 9.32 -50.32
CA LYS B 83 -12.48 9.61 -51.13
C LYS B 83 -12.84 11.04 -50.87
N VAL B 84 -12.76 11.42 -49.60
CA VAL B 84 -13.10 12.77 -49.21
C VAL B 84 -11.91 13.69 -49.14
N LYS B 85 -10.72 13.17 -49.38
CA LYS B 85 -9.55 14.02 -49.35
C LYS B 85 -9.68 15.05 -50.45
N LYS B 86 -10.10 14.61 -51.62
CA LYS B 86 -10.23 15.51 -52.76
C LYS B 86 -11.28 16.58 -52.51
N HIS B 87 -12.41 16.16 -51.96
CA HIS B 87 -13.58 17.01 -51.91
C HIS B 87 -13.17 18.23 -51.15
N LEU B 88 -12.45 18.00 -50.07
CA LEU B 88 -11.88 19.08 -49.31
C LEU B 88 -10.85 19.75 -50.17
N GLN B 89 -10.12 18.93 -50.91
CA GLN B 89 -9.02 19.43 -51.73
C GLN B 89 -8.06 20.21 -50.83
N ASP B 90 -7.86 19.69 -49.63
CA ASP B 90 -6.90 20.24 -48.69
C ASP B 90 -5.88 19.14 -48.50
N ASP B 91 -4.63 19.49 -48.69
CA ASP B 91 -3.56 18.49 -48.74
C ASP B 91 -3.43 17.75 -47.42
N MET B 92 -3.62 18.49 -46.34
CA MET B 92 -3.30 18.03 -45.00
C MET B 92 -4.49 17.42 -44.30
N PHE B 93 -5.49 17.03 -45.06
CA PHE B 93 -6.66 16.43 -44.46
C PHE B 93 -6.32 15.15 -43.71
N ILE B 94 -5.40 14.35 -44.23
CA ILE B 94 -5.20 13.09 -43.56
C ILE B 94 -3.85 13.21 -42.88
N ILE B 95 -3.78 12.69 -41.67
CA ILE B 95 -2.61 12.82 -40.85
C ILE B 95 -2.28 11.42 -40.34
N PRO B 96 -1.19 10.83 -40.80
CA PRO B 96 -0.69 9.65 -40.11
C PRO B 96 -0.17 10.08 -38.74
N LEU B 97 -0.63 9.40 -37.72
CA LEU B 97 -0.04 9.57 -36.39
C LEU B 97 0.92 8.40 -36.21
N ALA B 98 2.21 8.65 -36.44
CA ALA B 98 3.21 7.58 -36.36
C ALA B 98 3.59 7.35 -34.90
N ILE B 99 2.91 6.41 -34.26
CA ILE B 99 3.15 6.16 -32.86
C ILE B 99 4.04 4.96 -32.67
N ASP B 100 4.39 4.31 -33.76
CA ASP B 100 5.05 3.03 -33.70
C ASP B 100 6.52 3.10 -34.04
N GLU B 101 7.33 2.56 -33.15
CA GLU B 101 8.76 2.67 -33.29
C GLU B 101 9.21 1.87 -34.50
N ASN B 102 8.36 0.94 -34.89
CA ASN B 102 8.77 -0.11 -35.80
C ASN B 102 7.82 -0.31 -36.96
N LEU B 103 7.77 0.67 -37.85
CA LEU B 103 6.99 0.49 -39.04
C LEU B 103 7.91 0.40 -40.24
N SER B 104 7.83 -0.74 -40.91
CA SER B 104 8.49 -0.93 -42.18
C SER B 104 7.68 -0.15 -43.18
N TYR B 105 8.34 0.40 -44.18
CA TYR B 105 7.68 1.20 -45.16
C TYR B 105 6.66 0.27 -45.76
N ASP B 106 7.06 -0.99 -45.92
CA ASP B 106 6.22 -1.96 -46.61
C ASP B 106 4.86 -2.03 -45.93
N ASP B 107 4.84 -1.98 -44.59
CA ASP B 107 3.55 -2.01 -43.89
C ASP B 107 2.67 -0.81 -44.23
N ILE B 108 3.30 0.36 -44.31
CA ILE B 108 2.57 1.61 -44.36
C ILE B 108 1.68 1.59 -45.57
N ASN B 109 0.44 2.04 -45.42
CA ASN B 109 -0.44 2.13 -46.56
C ASN B 109 0.08 3.18 -47.53
N ILE B 110 -0.10 2.92 -48.81
CA ILE B 110 0.53 3.76 -49.82
C ILE B 110 -0.01 5.17 -49.70
N GLU B 111 -1.29 5.30 -49.43
CA GLU B 111 -1.88 6.62 -49.43
C GLU B 111 -1.19 7.45 -48.39
N ILE B 112 -0.99 6.91 -47.20
CA ILE B 112 -0.39 7.68 -46.13
C ILE B 112 1.13 7.54 -46.02
N VAL B 113 1.71 6.63 -46.79
CA VAL B 113 3.16 6.48 -46.79
C VAL B 113 3.70 7.80 -47.31
N ARG B 114 2.99 8.35 -48.28
CA ARG B 114 3.42 9.55 -48.94
C ARG B 114 3.52 10.67 -47.93
N LEU B 115 2.59 10.69 -46.98
CA LEU B 115 2.32 11.84 -46.13
C LEU B 115 3.36 12.18 -45.09
N ASN B 116 3.26 13.39 -44.55
CA ASN B 116 4.17 13.88 -43.51
C ASN B 116 4.03 13.21 -42.14
N ALA B 117 5.15 13.12 -41.44
CA ALA B 117 5.27 12.29 -40.26
C ALA B 117 4.96 13.09 -39.02
N ILE B 118 3.90 12.69 -38.33
CA ILE B 118 3.57 13.29 -37.06
C ILE B 118 4.19 12.34 -36.06
N ASP B 119 5.28 12.78 -35.44
CA ASP B 119 6.11 11.85 -34.72
C ASP B 119 5.76 11.75 -33.27
N PHE B 120 4.98 10.75 -32.94
CA PHE B 120 4.75 10.44 -31.57
C PHE B 120 5.77 9.41 -31.12
N LYS B 121 6.67 9.00 -32.00
CA LYS B 121 7.68 8.04 -31.61
C LYS B 121 8.66 8.57 -30.61
N LYS B 122 9.25 9.73 -30.87
CA LYS B 122 10.29 10.23 -29.98
C LYS B 122 9.79 10.64 -28.60
N SER B 123 8.65 11.32 -28.55
CA SER B 123 7.96 11.60 -27.32
C SER B 123 6.51 11.82 -27.62
N TRP B 124 5.63 11.44 -26.72
CA TRP B 124 4.21 11.69 -26.93
C TRP B 124 3.92 13.18 -26.90
N ALA B 125 4.61 13.91 -26.04
CA ALA B 125 4.37 15.34 -25.91
C ALA B 125 4.75 16.15 -27.14
N LYS B 126 5.89 15.85 -27.73
CA LYS B 126 6.30 16.57 -28.92
C LYS B 126 5.31 16.32 -30.01
N GLY B 127 4.84 15.10 -30.11
CA GLY B 127 3.87 14.77 -31.13
C GLY B 127 2.60 15.56 -30.93
N LEU B 128 2.15 15.74 -29.69
CA LEU B 128 0.97 16.55 -29.48
C LEU B 128 1.26 17.96 -29.90
N GLN B 129 2.44 18.46 -29.57
CA GLN B 129 2.77 19.83 -29.94
C GLN B 129 2.81 19.91 -31.44
N ASP B 130 3.44 18.93 -32.05
CA ASP B 130 3.53 18.90 -33.49
C ASP B 130 2.18 18.75 -34.14
N LEU B 131 1.33 17.91 -33.59
CA LEU B 131 0.00 17.77 -34.17
C LEU B 131 -0.70 19.09 -34.05
N LEU B 132 -0.62 19.70 -32.86
CA LEU B 132 -1.29 20.98 -32.65
C LEU B 132 -0.66 22.10 -33.45
N ASP B 133 0.65 22.15 -33.49
CA ASP B 133 1.32 23.24 -34.18
C ASP B 133 0.95 23.19 -35.65
N ALA B 134 0.83 21.98 -36.17
CA ALA B 134 0.35 21.76 -37.51
C ALA B 134 -1.07 22.28 -37.61
N PHE B 135 -1.84 22.12 -36.54
CA PHE B 135 -3.18 22.66 -36.52
C PHE B 135 -3.15 24.17 -36.60
N GLU B 136 -2.24 24.83 -35.91
CA GLU B 136 -2.14 26.27 -36.06
C GLU B 136 -1.84 26.70 -37.50
N LYS B 137 -0.93 26.00 -38.17
CA LYS B 137 -0.47 26.43 -39.47
C LYS B 137 -1.59 26.44 -40.48
N GLN B 138 -2.47 25.46 -40.35
CA GLN B 138 -3.75 25.44 -41.04
C GLN B 138 -4.73 25.73 -39.94
N ASN B 139 -5.75 26.52 -40.23
CA ASN B 139 -6.65 26.93 -39.17
C ASN B 139 -7.70 25.88 -38.90
N VAL B 140 -7.32 24.88 -38.12
CA VAL B 140 -8.25 23.87 -37.63
C VAL B 140 -9.00 24.43 -36.46
N PRO B 141 -10.39 24.27 -36.53
CA PRO B 141 -11.12 25.00 -35.49
C PRO B 141 -11.02 24.41 -34.10
N LYS B 142 -11.13 25.26 -33.11
CA LYS B 142 -11.01 24.87 -31.72
C LYS B 142 -12.00 25.67 -30.89
N LYS B 143 -12.25 25.19 -29.67
CA LYS B 143 -13.02 25.92 -28.69
C LYS B 143 -12.02 26.23 -27.60
N PRO B 144 -12.32 27.29 -26.73
CA PRO B 144 -11.34 27.46 -25.65
C PRO B 144 -11.29 26.18 -24.85
N PRO B 145 -10.02 25.74 -24.44
CA PRO B 145 -10.04 24.42 -23.81
C PRO B 145 -10.80 24.42 -22.53
N ASP B 146 -11.54 23.34 -22.30
CA ASP B 146 -12.10 23.00 -21.00
C ASP B 146 -11.76 21.53 -20.80
N HIS B 147 -10.68 21.28 -20.05
CA HIS B 147 -10.35 19.93 -19.64
C HIS B 147 -11.47 19.28 -18.87
N SER B 148 -12.38 20.08 -18.31
CA SER B 148 -13.58 19.53 -17.72
C SER B 148 -14.26 18.55 -18.67
N LYS B 149 -14.27 18.89 -19.96
CA LYS B 149 -14.84 17.99 -20.96
C LYS B 149 -13.99 16.74 -21.07
N SER B 150 -12.67 16.92 -21.19
CA SER B 150 -11.70 15.83 -21.24
C SER B 150 -12.05 14.73 -20.24
N ASN B 151 -12.19 15.06 -18.94
CA ASN B 151 -12.35 13.97 -17.99
C ASN B 151 -13.77 13.75 -17.54
N LEU B 152 -14.72 14.57 -17.97
CA LEU B 152 -16.09 14.08 -17.95
C LEU B 152 -16.15 12.79 -18.76
N LEU B 153 -15.57 12.82 -19.97
CA LEU B 153 -15.52 11.63 -20.81
C LEU B 153 -14.80 10.50 -20.09
N TYR B 154 -13.62 10.76 -19.58
CA TYR B 154 -12.80 9.69 -19.02
C TYR B 154 -13.55 9.09 -17.87
N GLN B 155 -14.12 9.95 -17.05
CA GLN B 155 -14.83 9.50 -15.90
C GLN B 155 -16.11 8.77 -16.26
N GLN B 156 -16.78 9.27 -17.29
CA GLN B 156 -18.06 8.72 -17.72
C GLN B 156 -17.87 7.60 -18.74
N ILE B 157 -17.16 7.85 -19.83
CA ILE B 157 -16.88 6.78 -20.77
C ILE B 157 -15.95 5.62 -20.50
N PHE B 158 -14.68 5.92 -20.33
CA PHE B 158 -13.68 4.90 -20.11
C PHE B 158 -13.95 4.19 -18.82
N LEU B 159 -14.37 4.93 -17.82
CA LEU B 159 -14.58 4.36 -16.50
C LEU B 159 -15.96 3.76 -16.42
N HIS B 160 -16.71 3.82 -17.50
CA HIS B 160 -18.09 3.40 -17.45
C HIS B 160 -18.15 1.96 -17.04
N ASP B 161 -17.31 1.12 -17.63
CA ASP B 161 -17.47 -0.30 -17.44
C ASP B 161 -17.31 -0.71 -15.98
N LYS B 162 -16.30 -0.18 -15.33
CA LYS B 162 -16.01 -0.59 -13.96
C LYS B 162 -15.94 0.59 -13.05
N GLN B 163 -16.83 0.60 -12.07
CA GLN B 163 -16.80 1.58 -11.03
C GLN B 163 -17.64 1.05 -9.90
N ALA B 164 -17.61 1.73 -8.78
CA ALA B 164 -18.43 1.30 -7.66
C ALA B 164 -19.86 1.38 -8.15
N ILE B 165 -20.64 0.35 -7.89
CA ILE B 165 -22.01 0.34 -8.34
C ILE B 165 -22.81 0.05 -7.12
N GLU B 166 -24.06 0.49 -7.09
CA GLU B 166 -24.88 0.20 -5.94
C GLU B 166 -25.35 -1.20 -6.22
N LYS B 167 -24.73 -2.13 -5.52
CA LYS B 167 -25.01 -3.54 -5.67
C LYS B 167 -24.97 -4.04 -4.27
N GLU B 168 -25.50 -5.23 -4.05
CA GLU B 168 -25.53 -5.77 -2.73
C GLU B 168 -24.57 -6.92 -2.68
N GLU B 169 -23.81 -7.01 -1.61
CA GLU B 169 -22.89 -8.14 -1.44
C GLU B 169 -22.59 -8.42 0.03
N THR B 170 -22.61 -9.69 0.38
CA THR B 170 -22.31 -10.08 1.73
C THR B 170 -20.92 -10.66 1.79
N TYR B 171 -20.25 -10.45 2.91
CA TYR B 171 -18.90 -10.95 3.11
C TYR B 171 -18.87 -11.75 4.41
N ASP B 172 -18.22 -12.93 4.37
CA ASP B 172 -18.06 -13.79 5.55
C ASP B 172 -16.77 -13.42 6.28
N SER B 173 -16.86 -13.14 7.58
CA SER B 173 -15.72 -12.80 8.42
C SER B 173 -14.82 -14.00 8.65
N ASN B 174 -13.66 -13.79 9.27
CA ASN B 174 -12.94 -14.91 9.87
C ASN B 174 -13.02 -14.86 11.39
N TRP B 175 -13.98 -14.10 11.87
CA TRP B 175 -14.27 -14.00 13.27
C TRP B 175 -15.49 -14.85 13.51
N PHE B 176 -15.30 -16.01 14.11
CA PHE B 176 -16.43 -16.88 14.37
C PHE B 176 -16.81 -16.77 15.81
N PRO B 177 -18.05 -16.20 16.03
CA PRO B 177 -18.23 -15.75 17.41
C PRO B 177 -18.39 -16.88 18.38
N ILE B 178 -17.91 -16.70 19.60
CA ILE B 178 -18.17 -17.63 20.67
C ILE B 178 -19.64 -17.58 20.96
N ILE B 179 -20.24 -18.73 21.21
CA ILE B 179 -21.66 -18.79 21.46
C ILE B 179 -22.00 -18.77 22.93
N SER B 180 -21.40 -19.68 23.69
CA SER B 180 -21.78 -19.88 25.08
C SER B 180 -20.59 -19.94 25.99
N PHE B 181 -20.68 -19.28 27.14
CA PHE B 181 -19.56 -19.20 28.05
C PHE B 181 -19.93 -19.77 29.40
N PRO B 182 -18.89 -20.44 30.07
CA PRO B 182 -19.33 -21.06 31.32
C PRO B 182 -19.98 -20.08 32.29
N ASN B 183 -21.06 -20.52 32.93
CA ASN B 183 -21.97 -19.60 33.64
C ASN B 183 -21.24 -18.68 34.61
N GLU B 184 -20.19 -19.17 35.25
CA GLU B 184 -19.38 -18.40 36.16
C GLU B 184 -17.93 -18.48 35.66
N LEU B 185 -17.10 -17.56 36.11
CA LEU B 185 -15.65 -17.77 36.13
C LEU B 185 -15.21 -17.81 37.57
N ARG B 186 -14.60 -18.92 37.98
CA ARG B 186 -14.22 -19.09 39.37
C ARG B 186 -12.70 -19.15 39.50
N PHE B 187 -12.25 -18.74 40.68
CA PHE B 187 -10.85 -18.66 41.07
C PHE B 187 -10.66 -19.46 42.34
N HIS B 188 -9.67 -20.35 42.34
CA HIS B 188 -9.49 -21.32 43.43
C HIS B 188 -8.27 -20.95 44.26
N ARG B 189 -8.46 -20.77 45.56
CA ARG B 189 -7.31 -20.51 46.42
C ARG B 189 -6.74 -21.90 46.61
N TYR B 190 -6.10 -22.38 45.56
CA TYR B 190 -5.59 -23.73 45.53
C TYR B 190 -4.57 -23.92 46.63
N ASP B 191 -3.72 -22.92 46.79
CA ASP B 191 -2.79 -22.96 47.91
C ASP B 191 -1.93 -24.23 47.85
N TRP B 192 -1.95 -25.00 48.93
CA TRP B 192 -0.99 -26.08 49.11
C TRP B 192 -1.09 -27.08 47.96
N ARG B 193 -2.30 -27.32 47.50
CA ARG B 193 -2.49 -28.25 46.40
C ARG B 193 -1.70 -27.70 45.24
N LEU B 194 -1.70 -26.38 45.11
CA LEU B 194 -1.02 -25.74 44.00
C LEU B 194 0.50 -25.78 44.11
N PRO B 195 1.17 -26.32 43.01
CA PRO B 195 2.61 -26.09 43.02
C PRO B 195 2.98 -25.16 41.87
N LYS B 196 3.72 -24.10 42.18
CA LYS B 196 4.14 -23.13 41.17
C LYS B 196 5.05 -23.73 40.10
N GLN B 197 5.95 -24.60 40.52
CA GLN B 197 6.97 -25.17 39.64
C GLN B 197 6.43 -26.07 38.53
N PHE B 198 5.22 -26.56 38.73
CA PHE B 198 4.61 -27.48 37.78
C PHE B 198 4.05 -26.67 36.62
N ASP B 199 3.98 -27.31 35.46
CA ASP B 199 3.40 -26.72 34.25
C ASP B 199 2.09 -27.42 33.99
N VAL B 200 1.01 -26.66 33.84
CA VAL B 200 -0.32 -27.25 33.73
C VAL B 200 -0.79 -27.60 32.31
N ARG B 201 -0.05 -27.13 31.30
CA ARG B 201 -0.46 -27.27 29.91
C ARG B 201 -0.31 -28.71 29.42
N THR B 202 0.20 -29.59 30.27
CA THR B 202 -0.17 -30.99 30.23
C THR B 202 -1.30 -31.26 31.23
N LEU B 203 -1.95 -30.19 31.76
CA LEU B 203 -3.11 -30.40 32.63
C LEU B 203 -4.41 -30.56 31.88
N ALA B 204 -4.36 -30.78 30.57
CA ALA B 204 -5.50 -31.25 29.79
C ALA B 204 -6.73 -30.38 29.95
N PHE B 205 -6.55 -29.19 30.52
CA PHE B 205 -7.62 -28.19 30.63
C PHE B 205 -6.95 -26.82 30.74
N PRO B 206 -7.66 -25.75 30.35
CA PRO B 206 -7.08 -24.40 30.43
C PRO B 206 -6.79 -23.93 31.84
N ALA B 207 -5.52 -23.90 32.25
CA ALA B 207 -5.15 -23.52 33.61
C ALA B 207 -3.97 -22.56 33.59
N ILE B 208 -4.09 -21.47 34.35
CA ILE B 208 -3.03 -20.47 34.37
C ILE B 208 -2.90 -19.91 35.76
N ARG B 209 -1.69 -19.52 36.13
CA ARG B 209 -1.43 -19.08 37.48
C ARG B 209 -1.50 -17.58 37.57
N TYR B 210 -2.46 -17.09 38.33
CA TYR B 210 -2.63 -15.67 38.56
C TYR B 210 -2.52 -15.49 40.05
N LYS B 211 -1.61 -14.63 40.48
CA LYS B 211 -1.46 -14.36 41.89
C LYS B 211 -1.28 -15.69 42.64
N GLU B 212 -1.98 -15.86 43.76
CA GLU B 212 -1.92 -17.11 44.49
C GLU B 212 -3.15 -17.99 44.25
N TYR B 213 -4.19 -17.37 43.68
CA TYR B 213 -5.42 -18.06 43.30
C TYR B 213 -5.26 -18.81 41.97
N LEU B 214 -6.16 -19.75 41.69
CA LEU B 214 -6.10 -20.53 40.43
C LEU B 214 -7.25 -20.24 39.46
N CYS B 215 -6.89 -20.08 38.19
CA CYS B 215 -7.79 -19.58 37.15
C CYS B 215 -8.14 -20.59 36.08
N THR B 216 -9.43 -20.73 35.80
CA THR B 216 -9.88 -21.63 34.75
C THR B 216 -11.41 -21.62 34.72
N PHE B 217 -11.96 -22.30 33.72
CA PHE B 217 -13.37 -22.62 33.62
C PHE B 217 -13.68 -24.04 34.09
N ALA B 218 -12.66 -24.79 34.48
CA ALA B 218 -12.87 -26.12 35.06
C ALA B 218 -13.22 -25.98 36.53
N TRP B 219 -14.26 -26.65 36.98
CA TRP B 219 -14.53 -26.56 38.40
C TRP B 219 -13.39 -27.26 39.11
N GLU B 220 -13.20 -26.94 40.38
CA GLU B 220 -11.99 -27.24 41.13
C GLU B 220 -11.74 -28.72 41.08
N TYR B 221 -12.84 -29.43 41.02
CA TYR B 221 -12.92 -30.88 41.01
C TYR B 221 -12.25 -31.47 39.77
N ASP B 222 -12.14 -30.65 38.72
CA ASP B 222 -11.70 -31.13 37.40
C ASP B 222 -10.30 -31.75 37.31
N PHE B 223 -9.32 -31.22 38.04
CA PHE B 223 -7.95 -31.79 37.96
C PHE B 223 -7.66 -32.78 39.08
N ILE B 224 -7.55 -34.06 38.73
CA ILE B 224 -7.36 -35.11 39.73
C ILE B 224 -6.08 -35.92 39.52
N HIS B 225 -5.96 -36.50 38.33
CA HIS B 225 -4.92 -37.45 38.01
C HIS B 225 -3.56 -36.77 38.18
N GLN B 226 -3.54 -35.49 37.87
CA GLN B 226 -2.31 -34.72 37.81
C GLN B 226 -2.12 -33.71 38.92
N LEU B 227 -3.14 -33.54 39.78
CA LEU B 227 -3.12 -32.69 40.98
C LEU B 227 -3.66 -33.34 42.25
N PRO B 228 -2.86 -34.12 42.97
CA PRO B 228 -3.38 -34.87 44.12
C PRO B 228 -3.63 -33.97 45.34
N LYS B 229 -4.11 -34.61 46.41
CA LYS B 229 -4.33 -34.00 47.73
C LYS B 229 -4.97 -32.61 47.63
N THR B 230 -6.01 -32.49 46.79
CA THR B 230 -6.79 -31.27 46.71
C THR B 230 -8.27 -31.48 47.01
N GLU B 231 -8.63 -32.64 47.54
CA GLU B 231 -9.95 -32.84 48.14
C GLU B 231 -10.13 -32.06 49.46
N THR B 232 -9.11 -31.24 49.69
CA THR B 232 -8.90 -30.43 50.89
C THR B 232 -9.31 -28.97 50.73
N TYR B 233 -9.94 -28.63 49.62
CA TYR B 233 -10.32 -27.24 49.40
C TYR B 233 -11.82 -27.03 49.52
N ASN B 234 -12.19 -26.06 50.33
CA ASN B 234 -13.59 -25.78 50.55
C ASN B 234 -14.19 -25.38 49.22
N GLY B 235 -15.40 -25.87 48.97
CA GLY B 235 -16.14 -25.54 47.77
C GLY B 235 -16.41 -24.05 47.76
N GLN B 236 -16.66 -23.53 48.96
CA GLN B 236 -16.95 -22.13 49.16
C GLN B 236 -15.80 -21.19 48.79
N GLU B 237 -14.57 -21.61 49.06
CA GLU B 237 -13.44 -20.71 49.21
C GLU B 237 -13.05 -19.84 48.01
N SER B 238 -13.03 -20.39 46.81
CA SER B 238 -12.63 -19.62 45.64
C SER B 238 -13.69 -18.59 45.23
N ILE B 239 -13.24 -17.47 44.64
CA ILE B 239 -14.16 -16.40 44.18
C ILE B 239 -14.97 -16.90 42.98
N ARG B 240 -16.23 -16.50 42.86
CA ARG B 240 -16.99 -17.06 41.73
C ARG B 240 -17.59 -15.91 40.92
N ILE B 241 -16.81 -15.38 39.97
CA ILE B 241 -17.11 -14.09 39.33
C ILE B 241 -18.03 -14.29 38.12
N SER B 242 -19.13 -13.54 38.10
CA SER B 242 -20.11 -13.67 37.04
C SER B 242 -19.47 -13.31 35.71
N THR B 243 -19.39 -14.30 34.82
CA THR B 243 -18.85 -14.09 33.48
C THR B 243 -19.74 -13.16 32.67
N SER B 244 -21.04 -13.43 32.68
CA SER B 244 -22.04 -12.57 32.07
C SER B 244 -21.92 -11.10 32.51
N ASP B 245 -21.15 -10.84 33.57
CA ASP B 245 -20.83 -9.47 33.99
C ASP B 245 -19.54 -8.94 33.37
N ILE B 246 -18.52 -9.79 33.23
CA ILE B 246 -17.18 -9.32 32.89
C ILE B 246 -17.08 -8.61 31.55
N LEU B 247 -17.73 -9.19 30.55
CA LEU B 247 -17.68 -8.65 29.21
C LEU B 247 -18.28 -7.27 29.28
N SER B 248 -19.31 -7.15 30.10
CA SER B 248 -19.99 -5.89 30.25
C SER B 248 -19.00 -4.88 30.78
N GLY B 249 -18.10 -5.33 31.64
CA GLY B 249 -17.31 -4.42 32.45
C GLY B 249 -18.01 -4.15 33.76
N ARG B 250 -19.07 -4.92 34.02
CA ARG B 250 -19.81 -4.82 35.25
C ARG B 250 -18.84 -5.15 36.36
N TYR B 251 -17.94 -6.09 36.09
CA TYR B 251 -16.96 -6.43 37.07
C TYR B 251 -15.72 -5.60 36.87
N ASP B 252 -15.47 -4.72 37.82
CA ASP B 252 -14.18 -4.11 38.01
C ASP B 252 -13.85 -4.35 39.47
N THR B 253 -12.74 -5.03 39.73
CA THR B 253 -12.33 -5.27 41.11
C THR B 253 -11.08 -4.48 41.30
N ASP B 254 -11.04 -3.68 42.35
CA ASP B 254 -9.88 -2.83 42.56
C ASP B 254 -8.68 -3.75 42.70
N PHE B 255 -8.88 -4.92 43.30
CA PHE B 255 -7.82 -5.91 43.30
C PHE B 255 -7.43 -6.38 41.88
N ILE B 256 -8.42 -6.66 41.02
CA ILE B 256 -8.15 -6.94 39.60
C ILE B 256 -9.19 -6.30 38.67
N ARG B 257 -8.76 -5.54 37.67
CA ARG B 257 -9.70 -4.88 36.77
C ARG B 257 -10.18 -5.75 35.62
N ASN B 258 -11.31 -5.38 35.00
CA ASN B 258 -11.88 -6.21 33.96
C ASN B 258 -10.87 -6.38 32.84
N TYR B 259 -10.23 -5.29 32.43
CA TYR B 259 -9.14 -5.48 31.47
C TYR B 259 -8.26 -6.66 31.84
N GLU B 260 -7.94 -6.83 33.11
CA GLU B 260 -7.14 -7.97 33.53
C GLU B 260 -7.87 -9.27 33.23
N CYS B 261 -9.15 -9.30 33.61
CA CYS B 261 -9.97 -10.47 33.41
C CYS B 261 -10.12 -10.79 31.93
N GLN B 262 -10.32 -9.75 31.13
CA GLN B 262 -10.55 -9.93 29.70
C GLN B 262 -9.35 -10.58 29.06
N ARG B 263 -8.16 -10.18 29.46
CA ARG B 263 -6.95 -10.77 28.92
C ARG B 263 -6.89 -12.24 29.27
N LEU B 264 -7.29 -12.57 30.49
CA LEU B 264 -7.14 -13.92 31.02
C LEU B 264 -7.91 -15.01 30.29
N ILE B 265 -9.13 -14.69 29.87
CA ILE B 265 -9.96 -15.70 29.29
C ILE B 265 -9.25 -16.22 28.07
N VAL B 266 -8.60 -15.30 27.37
CA VAL B 266 -8.05 -15.56 26.06
C VAL B 266 -6.98 -16.64 26.00
N GLN B 267 -6.08 -16.70 26.98
CA GLN B 267 -5.08 -17.75 26.96
C GLN B 267 -5.85 -19.04 27.05
N LEU B 268 -6.90 -19.04 27.87
CA LEU B 268 -7.71 -20.24 28.01
C LEU B 268 -8.40 -20.62 26.72
N ILE B 269 -8.99 -19.65 26.05
CA ILE B 269 -9.78 -19.97 24.89
C ILE B 269 -8.83 -20.58 23.89
N ASN B 270 -7.70 -19.94 23.73
CA ASN B 270 -6.71 -20.42 22.81
C ASN B 270 -6.16 -21.76 23.26
N LYS B 271 -5.92 -21.87 24.55
CA LYS B 271 -5.46 -23.13 25.09
C LYS B 271 -6.56 -24.14 24.89
N ALA B 272 -7.79 -23.70 25.10
CA ALA B 272 -8.90 -24.62 25.03
C ALA B 272 -8.89 -25.19 23.64
N PHE B 273 -8.66 -24.31 22.68
CA PHE B 273 -8.54 -24.69 21.29
C PHE B 273 -7.34 -25.59 21.16
N GLU B 274 -6.26 -25.23 21.81
CA GLU B 274 -5.03 -25.94 21.55
C GLU B 274 -5.21 -27.39 21.93
N LEU B 275 -5.88 -27.63 23.05
CA LEU B 275 -6.12 -29.01 23.48
C LEU B 275 -7.04 -29.77 22.54
N ARG B 276 -8.13 -29.13 22.15
CA ARG B 276 -9.17 -29.82 21.40
C ARG B 276 -8.61 -30.32 20.10
N MET B 277 -7.69 -29.56 19.52
CA MET B 277 -6.95 -29.99 18.34
C MET B 277 -6.00 -31.11 18.72
N LYS B 278 -5.78 -31.29 20.01
CA LYS B 278 -4.98 -32.43 20.46
C LYS B 278 -5.73 -33.65 20.00
N ASP B 279 -7.05 -33.59 20.09
CA ASP B 279 -7.89 -34.67 19.64
C ASP B 279 -9.03 -34.19 18.75
N LYS B 280 -8.69 -33.56 17.62
CA LYS B 280 -9.69 -33.26 16.60
C LYS B 280 -9.31 -33.63 15.17
N ASN B 281 -8.38 -34.54 15.00
CA ASN B 281 -8.06 -35.10 13.68
C ASN B 281 -7.12 -34.32 12.77
N VAL B 282 -6.44 -33.31 13.29
CA VAL B 282 -5.53 -32.55 12.46
C VAL B 282 -4.12 -32.45 13.02
N ARG B 283 -3.12 -32.76 12.21
CA ARG B 283 -1.73 -32.55 12.60
C ARG B 283 -1.44 -31.06 12.60
N GLU B 284 -0.64 -30.60 13.55
CA GLU B 284 -0.52 -29.19 13.85
C GLU B 284 0.81 -28.61 13.40
N TYR B 285 0.76 -27.50 12.66
CA TYR B 285 2.00 -26.83 12.32
C TYR B 285 2.30 -25.86 13.41
N GLN B 286 3.53 -25.89 13.88
CA GLN B 286 3.92 -25.06 14.99
C GLN B 286 4.69 -23.90 14.45
N MET B 287 4.21 -22.71 14.78
CA MET B 287 4.91 -21.48 14.52
C MET B 287 5.10 -20.99 15.92
N SER B 288 6.10 -20.16 16.12
CA SER B 288 6.51 -19.83 17.46
C SER B 288 5.35 -19.20 18.20
N LYS B 289 4.62 -18.32 17.52
CA LYS B 289 3.54 -17.60 18.18
C LYS B 289 2.41 -18.50 18.68
N THR B 290 1.96 -19.40 17.81
CA THR B 290 0.93 -20.35 18.18
C THR B 290 0.92 -21.43 17.13
N PHE B 291 0.22 -22.52 17.39
CA PHE B 291 0.12 -23.62 16.45
C PHE B 291 -0.76 -23.34 15.24
N ALA B 292 -0.43 -23.99 14.13
CA ALA B 292 -1.23 -23.93 12.93
C ALA B 292 -1.68 -25.35 12.66
N TYR B 293 -2.96 -25.55 12.36
CA TYR B 293 -3.46 -26.91 12.21
C TYR B 293 -3.86 -27.26 10.81
N TRP B 294 -3.19 -28.25 10.23
CA TRP B 294 -3.45 -28.66 8.88
C TRP B 294 -3.75 -30.14 8.84
N ILE B 295 -4.83 -30.53 8.18
CA ILE B 295 -5.19 -31.93 8.06
C ILE B 295 -4.18 -32.66 7.19
N GLU B 296 -3.82 -33.87 7.60
CA GLU B 296 -2.83 -34.63 6.84
C GLU B 296 -3.42 -35.24 5.60
N LYS B 297 -2.56 -35.73 4.73
CA LYS B 297 -3.02 -36.26 3.47
C LYS B 297 -3.94 -37.43 3.71
N GLY B 298 -5.03 -37.47 2.97
CA GLY B 298 -5.88 -38.64 2.93
C GLY B 298 -6.84 -38.80 4.08
N LYS B 299 -6.83 -37.87 5.02
CA LYS B 299 -7.77 -37.95 6.13
C LYS B 299 -9.19 -37.81 5.63
N LEU B 300 -9.36 -36.95 4.63
CA LEU B 300 -10.66 -36.74 4.02
C LEU B 300 -10.63 -37.42 2.68
N GLU B 301 -11.77 -37.91 2.21
CA GLU B 301 -11.74 -38.79 1.06
C GLU B 301 -11.11 -38.05 -0.08
N LYS B 302 -10.12 -38.67 -0.71
CA LYS B 302 -9.45 -38.08 -1.85
C LYS B 302 -8.97 -36.68 -1.48
N ASP B 303 -8.69 -36.45 -0.21
CA ASP B 303 -8.24 -35.15 0.25
C ASP B 303 -9.17 -33.96 -0.05
N LYS B 304 -10.47 -34.13 0.17
CA LYS B 304 -11.43 -33.05 0.01
C LYS B 304 -12.42 -33.06 1.17
N PHE B 305 -12.91 -31.90 1.59
CA PHE B 305 -14.00 -31.88 2.56
C PHE B 305 -15.21 -31.09 2.09
N GLU B 306 -16.38 -31.71 2.18
CA GLU B 306 -17.64 -31.03 1.95
C GLU B 306 -17.56 -30.37 0.61
N LYS B 307 -16.86 -31.05 -0.27
CA LYS B 307 -16.63 -30.67 -1.66
C LYS B 307 -15.44 -29.75 -1.78
N ILE B 308 -14.89 -29.26 -0.66
CA ILE B 308 -13.75 -28.33 -0.63
C ILE B 308 -12.47 -29.15 -0.61
N LYS B 309 -11.40 -28.60 -1.19
CA LYS B 309 -10.13 -29.30 -1.30
C LYS B 309 -9.14 -28.67 -0.30
N LEU B 310 -9.10 -29.24 0.90
CA LEU B 310 -8.26 -28.79 2.01
C LEU B 310 -6.87 -29.41 2.00
N VAL B 311 -6.56 -30.26 1.04
CA VAL B 311 -5.21 -30.75 0.84
C VAL B 311 -5.03 -30.93 -0.65
N GLY B 312 -3.83 -30.67 -1.13
CA GLY B 312 -3.58 -30.62 -2.56
C GLY B 312 -2.14 -30.86 -2.83
N LYS B 313 -1.69 -30.45 -4.00
CA LYS B 313 -0.32 -30.72 -4.40
C LYS B 313 0.25 -29.50 -5.07
N GLN B 314 1.48 -29.15 -4.73
CA GLN B 314 2.23 -28.17 -5.48
C GLN B 314 3.60 -28.72 -5.83
N LYS B 315 3.95 -28.74 -7.10
CA LYS B 315 5.26 -29.21 -7.50
C LYS B 315 5.45 -30.61 -6.91
N ASN B 316 6.55 -30.81 -6.21
CA ASN B 316 6.82 -32.07 -5.54
C ASN B 316 6.34 -32.06 -4.11
N LYS B 317 5.69 -30.97 -3.70
CA LYS B 317 5.25 -30.84 -2.32
C LYS B 317 3.74 -30.72 -2.17
N TYR B 318 3.16 -31.50 -1.30
CA TYR B 318 1.76 -31.32 -0.99
C TYR B 318 1.60 -30.09 -0.12
N TRP B 319 0.55 -29.31 -0.37
CA TRP B 319 0.12 -28.24 0.50
C TRP B 319 -1.07 -28.68 1.33
N HIS B 320 -1.17 -28.17 2.52
CA HIS B 320 -2.24 -28.55 3.42
C HIS B 320 -2.75 -27.26 4.02
N PHE B 321 -3.93 -26.86 3.58
CA PHE B 321 -4.63 -25.77 4.25
C PHE B 321 -4.60 -25.96 5.76
N GLY B 322 -4.24 -24.88 6.46
CA GLY B 322 -4.22 -24.88 7.91
C GLY B 322 -4.76 -23.56 8.45
N ILE B 323 -5.01 -23.53 9.75
CA ILE B 323 -5.64 -22.39 10.37
C ILE B 323 -5.05 -22.19 11.74
N SER B 324 -5.33 -21.03 12.30
CA SER B 324 -4.90 -20.66 13.63
C SER B 324 -6.10 -20.03 14.33
N ALA B 325 -6.05 -20.04 15.64
CA ALA B 325 -7.09 -19.43 16.45
C ALA B 325 -6.45 -18.29 17.20
N ALA B 326 -6.76 -17.08 16.78
CA ALA B 326 -6.74 -15.98 17.71
C ALA B 326 -8.12 -15.96 18.35
N GLY B 327 -8.17 -15.72 19.64
CA GLY B 327 -9.42 -15.47 20.31
C GLY B 327 -9.41 -14.02 20.75
N LYS B 328 -10.45 -13.28 20.42
CA LYS B 328 -10.54 -11.88 20.83
C LYS B 328 -11.83 -11.65 21.54
N LEU B 329 -11.78 -10.95 22.66
CA LEU B 329 -12.98 -10.55 23.39
C LEU B 329 -13.89 -9.54 22.70
N TYR B 330 -13.30 -8.52 22.08
CA TYR B 330 -14.02 -7.33 21.67
C TYR B 330 -13.84 -7.12 20.17
N PRO B 331 -14.78 -6.38 19.41
CA PRO B 331 -15.99 -5.95 20.15
C PRO B 331 -16.89 -7.06 20.63
N SER B 332 -17.09 -8.09 19.82
CA SER B 332 -17.92 -9.21 20.21
C SER B 332 -17.00 -10.39 20.34
N PRO B 333 -17.10 -11.14 21.54
CA PRO B 333 -16.08 -12.19 21.65
C PRO B 333 -16.26 -13.14 20.51
N VAL B 334 -15.16 -13.59 19.91
CA VAL B 334 -15.25 -14.44 18.75
C VAL B 334 -13.98 -15.23 18.62
N LEU B 335 -13.98 -16.33 17.86
CA LEU B 335 -12.71 -16.93 17.54
C LEU B 335 -12.28 -16.37 16.19
N MET B 336 -11.08 -15.80 16.17
CA MET B 336 -10.47 -15.29 14.96
C MET B 336 -9.63 -16.38 14.31
N VAL B 337 -9.85 -16.59 13.04
CA VAL B 337 -9.13 -17.62 12.33
C VAL B 337 -8.32 -16.99 11.22
N SER B 338 -7.01 -17.10 11.32
CA SER B 338 -6.18 -16.82 10.18
C SER B 338 -5.83 -18.11 9.49
N SER B 339 -5.80 -18.05 8.17
CA SER B 339 -5.58 -19.22 7.33
C SER B 339 -4.10 -19.33 6.96
N HIS B 340 -3.66 -20.57 6.75
CA HIS B 340 -2.26 -20.87 6.42
C HIS B 340 -2.19 -21.91 5.30
N ILE B 341 -0.99 -22.03 4.73
CA ILE B 341 -0.65 -23.10 3.82
C ILE B 341 0.57 -23.78 4.38
N ILE B 342 0.39 -24.97 4.95
CA ILE B 342 1.50 -25.77 5.45
C ILE B 342 2.15 -26.47 4.27
N PHE B 343 3.29 -27.08 4.45
CA PHE B 343 3.83 -27.79 3.32
C PHE B 343 4.49 -29.09 3.69
N THR B 344 4.11 -30.15 2.98
CA THR B 344 4.71 -31.46 3.14
C THR B 344 5.17 -32.00 1.80
N MET B 345 6.39 -32.52 1.74
CA MET B 345 6.85 -33.25 0.57
C MET B 345 6.06 -34.53 0.36
N ASP B 346 5.72 -35.17 1.47
CA ASP B 346 4.99 -36.42 1.47
C ASP B 346 3.82 -36.21 2.40
N GLY B 347 2.83 -37.07 2.35
CA GLY B 347 1.54 -36.73 2.87
C GLY B 347 1.49 -36.32 4.33
N ILE B 348 2.25 -36.98 5.20
CA ILE B 348 2.23 -36.58 6.61
C ILE B 348 3.52 -36.09 7.27
N ASN B 349 4.61 -35.98 6.54
CA ASN B 349 5.85 -35.53 7.18
C ASN B 349 6.23 -34.11 6.79
N LEU B 350 6.25 -33.21 7.76
CA LEU B 350 6.38 -31.78 7.52
C LEU B 350 7.74 -31.38 6.97
N ILE B 351 7.73 -30.35 6.12
CA ILE B 351 8.95 -29.84 5.52
C ILE B 351 9.84 -29.18 6.55
N LYS B 352 11.15 -29.44 6.46
CA LYS B 352 12.12 -28.92 7.43
C LYS B 352 12.34 -27.42 7.49
N SER B 353 12.50 -26.77 6.34
CA SER B 353 13.01 -25.41 6.33
C SER B 353 12.00 -24.40 5.84
N LYS B 354 11.78 -23.37 6.64
CA LYS B 354 10.71 -22.45 6.38
C LYS B 354 10.95 -21.84 5.03
N SER B 355 12.21 -21.62 4.70
CA SER B 355 12.54 -20.85 3.53
C SER B 355 11.91 -21.55 2.36
N ILE B 356 11.96 -22.87 2.36
CA ILE B 356 11.25 -23.61 1.35
C ILE B 356 9.75 -23.38 1.55
N GLN B 357 9.31 -23.37 2.79
CA GLN B 357 7.89 -23.11 3.06
C GLN B 357 7.47 -21.71 2.68
N HIS B 358 8.28 -20.73 3.02
CA HIS B 358 7.90 -19.37 2.74
C HIS B 358 7.79 -19.25 1.25
N SER B 359 8.72 -19.84 0.54
CA SER B 359 8.63 -19.88 -0.92
C SER B 359 7.41 -20.66 -1.34
N SER B 360 7.14 -21.78 -0.68
CA SER B 360 5.99 -22.58 -1.06
C SER B 360 4.75 -21.74 -0.86
N ARG B 361 4.66 -21.09 0.28
CA ARG B 361 3.42 -20.44 0.63
C ARG B 361 3.10 -19.32 -0.33
N ARG B 362 4.11 -18.55 -0.69
CA ARG B 362 3.88 -17.47 -1.62
C ARG B 362 3.52 -18.00 -2.99
N LYS B 363 4.22 -19.05 -3.41
CA LYS B 363 3.98 -19.67 -4.72
C LYS B 363 2.62 -20.31 -4.81
N GLN B 364 2.22 -20.99 -3.76
CA GLN B 364 0.89 -21.58 -3.64
C GLN B 364 -0.22 -20.55 -3.53
N GLY B 365 0.07 -19.46 -2.83
CA GLY B 365 -0.93 -18.47 -2.54
C GLY B 365 -1.50 -17.86 -3.78
N LYS B 366 -0.68 -17.70 -4.80
CA LYS B 366 -1.04 -16.99 -6.01
C LYS B 366 -2.23 -17.64 -6.68
N ASN B 367 -2.31 -18.96 -6.59
CA ASN B 367 -3.44 -19.71 -7.11
C ASN B 367 -4.78 -19.41 -6.47
N TRP B 368 -4.83 -19.25 -5.16
CA TRP B 368 -6.09 -19.01 -4.46
C TRP B 368 -6.53 -17.56 -4.47
N TRP B 369 -7.80 -17.35 -4.76
CA TRP B 369 -8.38 -16.05 -4.97
C TRP B 369 -9.56 -15.91 -4.03
N ASN B 370 -10.05 -14.70 -3.84
CA ASN B 370 -10.86 -14.47 -2.68
C ASN B 370 -11.79 -15.63 -2.54
N ASP B 371 -12.33 -16.12 -3.65
CA ASP B 371 -13.32 -17.16 -3.56
C ASP B 371 -12.75 -18.40 -2.92
N LYS B 372 -11.53 -18.76 -3.32
CA LYS B 372 -10.86 -19.94 -2.78
C LYS B 372 -10.47 -19.87 -1.32
N TRP B 373 -9.98 -18.72 -0.89
CA TRP B 373 -9.54 -18.59 0.49
C TRP B 373 -10.71 -18.73 1.46
N ARG B 374 -11.85 -18.17 1.11
CA ARG B 374 -13.01 -18.26 1.97
C ARG B 374 -13.55 -19.67 2.12
N GLU B 375 -13.68 -20.36 1.00
CA GLU B 375 -14.33 -21.64 1.03
C GLU B 375 -13.53 -22.61 1.85
N LYS B 376 -12.23 -22.63 1.66
CA LYS B 376 -11.40 -23.58 2.38
C LYS B 376 -11.47 -23.30 3.87
N LEU B 377 -11.39 -22.04 4.27
CA LEU B 377 -11.43 -21.72 5.68
C LEU B 377 -12.74 -22.08 6.34
N LEU B 378 -13.86 -21.72 5.70
CA LEU B 378 -15.16 -21.98 6.29
C LEU B 378 -15.39 -23.45 6.41
N ALA B 379 -14.96 -24.18 5.39
CA ALA B 379 -15.08 -25.62 5.43
C ALA B 379 -14.23 -26.14 6.57
N PHE B 380 -13.05 -25.58 6.74
CA PHE B 380 -12.16 -26.08 7.76
C PHE B 380 -12.74 -25.92 9.13
N ILE B 381 -13.35 -24.77 9.37
CA ILE B 381 -14.14 -24.58 10.56
C ILE B 381 -15.32 -25.51 10.49
N ARG B 382 -15.87 -25.66 9.30
CA ARG B 382 -16.97 -26.57 9.09
C ARG B 382 -16.45 -27.94 9.45
N PHE B 383 -15.21 -28.22 9.06
CA PHE B 383 -14.64 -29.53 9.30
C PHE B 383 -14.53 -29.86 10.78
N LEU B 384 -14.00 -28.93 11.55
CA LEU B 384 -13.75 -29.17 12.96
C LEU B 384 -15.02 -29.44 13.72
N SER B 385 -16.11 -28.81 13.31
CA SER B 385 -17.28 -28.71 14.16
C SER B 385 -17.73 -30.07 14.61
N ASP B 386 -18.04 -30.16 15.89
CA ASP B 386 -18.48 -31.38 16.52
C ASP B 386 -20.00 -31.47 16.55
N ASP B 387 -20.65 -30.47 16.00
CA ASP B 387 -22.11 -30.49 15.90
C ASP B 387 -22.64 -29.56 14.81
N GLN B 388 -23.95 -29.54 14.59
CA GLN B 388 -24.53 -28.80 13.49
C GLN B 388 -24.28 -27.30 13.55
N ASN B 389 -24.36 -26.69 14.73
CA ASN B 389 -24.16 -25.25 14.82
C ASN B 389 -22.81 -24.72 15.30
N ALA B 390 -21.98 -25.55 15.91
CA ALA B 390 -20.76 -25.04 16.55
C ALA B 390 -19.65 -26.06 16.81
N ILE B 391 -18.46 -25.56 17.11
CA ILE B 391 -17.35 -26.38 17.59
C ILE B 391 -17.46 -26.60 19.08
N TYR B 392 -16.73 -27.58 19.60
CA TYR B 392 -16.69 -27.77 21.04
C TYR B 392 -15.29 -27.56 21.60
N LEU B 393 -15.16 -26.60 22.49
CA LEU B 393 -13.89 -26.35 23.16
C LEU B 393 -14.03 -26.69 24.62
N ASN B 394 -13.23 -27.65 25.07
CA ASN B 394 -13.39 -28.22 26.39
C ASN B 394 -12.46 -27.63 27.42
N VAL B 395 -12.96 -26.67 28.18
CA VAL B 395 -12.33 -26.21 29.41
C VAL B 395 -12.34 -27.25 30.51
N GLY B 396 -13.50 -27.89 30.66
CA GLY B 396 -13.78 -28.75 31.80
C GLY B 396 -14.89 -29.71 31.48
N SER B 397 -15.11 -30.70 32.33
CA SER B 397 -16.08 -31.74 32.02
C SER B 397 -17.52 -31.23 31.86
N GLU B 398 -17.97 -30.39 32.78
CA GLU B 398 -19.32 -29.88 32.67
C GLU B 398 -19.35 -28.50 32.05
N GLU B 399 -18.17 -27.97 31.78
CA GLU B 399 -18.05 -26.61 31.25
C GLU B 399 -17.40 -26.65 29.88
N LYS B 400 -18.03 -26.02 28.92
CA LYS B 400 -17.55 -26.02 27.55
C LYS B 400 -17.72 -24.66 26.92
N ILE B 401 -16.91 -24.35 25.93
CA ILE B 401 -17.06 -23.12 25.20
C ILE B 401 -17.47 -23.43 23.78
N LEU B 402 -18.55 -22.84 23.32
CA LEU B 402 -19.06 -23.15 21.99
C LEU B 402 -18.95 -21.95 21.05
N ILE B 403 -18.23 -22.15 19.95
CA ILE B 403 -17.94 -21.10 18.97
C ILE B 403 -18.53 -21.44 17.62
N SER B 404 -19.27 -20.50 17.04
CA SER B 404 -19.95 -20.77 15.80
C SER B 404 -18.94 -21.06 14.72
N ASN B 405 -19.17 -22.15 14.00
CA ASN B 405 -18.36 -22.54 12.86
C ASN B 405 -18.46 -21.56 11.71
N LYS B 406 -19.65 -20.99 11.53
CA LYS B 406 -19.87 -20.05 10.45
C LYS B 406 -19.64 -18.62 10.91
N PRO B 407 -18.65 -17.92 10.18
CA PRO B 407 -18.35 -16.60 10.73
C PRO B 407 -19.32 -15.50 10.33
N LEU B 408 -19.21 -14.38 11.02
CA LEU B 408 -20.18 -13.33 10.95
C LEU B 408 -20.22 -12.84 9.55
N LYS B 409 -21.41 -12.45 9.11
CA LYS B 409 -21.61 -12.02 7.76
C LYS B 409 -21.89 -10.55 7.81
N PHE B 410 -21.25 -9.80 6.91
CA PHE B 410 -21.47 -8.39 6.76
C PHE B 410 -22.07 -8.12 5.41
N PHE B 411 -23.17 -7.38 5.37
CA PHE B 411 -23.84 -7.14 4.13
C PHE B 411 -23.70 -5.69 3.79
N GLY B 412 -23.16 -5.39 2.62
CA GLY B 412 -23.07 -4.02 2.20
C GLY B 412 -23.65 -3.77 0.84
N LYS B 413 -24.57 -2.83 0.74
CA LYS B 413 -25.00 -2.35 -0.55
C LYS B 413 -23.78 -1.60 -1.01
N MET B 414 -23.45 -1.69 -2.30
CA MET B 414 -22.24 -1.11 -2.92
C MET B 414 -21.14 -2.14 -3.14
N SER B 415 -20.93 -2.48 -4.40
CA SER B 415 -20.00 -3.49 -4.82
C SER B 415 -19.76 -3.30 -6.31
N TYR B 416 -18.91 -4.13 -6.87
CA TYR B 416 -18.45 -3.99 -8.24
C TYR B 416 -18.80 -5.21 -9.05
N VAL B 417 -19.11 -5.01 -10.33
CA VAL B 417 -19.37 -6.13 -11.22
C VAL B 417 -18.10 -6.93 -11.36
N THR B 418 -18.19 -8.25 -11.32
CA THR B 418 -16.99 -9.06 -11.44
C THR B 418 -16.52 -9.00 -12.88
N PRO B 419 -15.15 -8.72 -13.07
CA PRO B 419 -14.77 -8.68 -14.49
C PRO B 419 -14.76 -10.06 -15.14
#